data_8CRA
#
_entry.id   8CRA
#
_cell.length_a   101.335
_cell.length_b   138.372
_cell.length_c   180.229
_cell.angle_alpha   90.00
_cell.angle_beta   90.00
_cell.angle_gamma   90.00
#
_symmetry.space_group_name_H-M   'C 2 2 21'
#
loop_
_entity.id
_entity.type
_entity.pdbx_description
1 polymer 'Floral homeotic protein AGAMOUS'
2 polymer 'Developmental protein SEPALLATA 3'
3 water water
#
loop_
_entity_poly.entity_id
_entity_poly.type
_entity_poly.pdbx_seq_one_letter_code
_entity_poly.pdbx_strand_id
1 'polypeptide(L)'
;SVAEINAQYYQQESAKLRQQIISIQNSNRQLMGETIGSMSPKELRNLEGRLERSITRIRSKKNELLFSEIDYMQKREVDL
HNDNQILRAKIAENRN
;
A,B,C,D
2 'polypeptide(L)'
;PNVPSREALAVELSSQQEYLKLKERYDALQRTQRNLLGEDLGPLSTKELESLERQLDSSLKQIRALRTQFMLDQLNDLQS
KERMLTETNKTLRLRLAD
;
E,F,G,H
#
# COMPACT_ATOMS: atom_id res chain seq x y z
N SER A 1 -11.65 -16.90 57.85
CA SER A 1 -10.34 -17.61 58.07
C SER A 1 -9.28 -17.07 57.12
N VAL A 2 -8.03 -17.07 57.60
CA VAL A 2 -6.94 -16.36 56.95
C VAL A 2 -6.74 -16.88 55.52
N ALA A 3 -6.85 -18.21 55.33
CA ALA A 3 -6.54 -18.88 54.07
C ALA A 3 -7.61 -18.61 53.01
N GLU A 4 -8.86 -18.48 53.43
CA GLU A 4 -9.93 -18.23 52.47
C GLU A 4 -9.85 -16.76 52.04
N ILE A 5 -9.58 -15.86 53.00
CA ILE A 5 -9.45 -14.44 52.72
C ILE A 5 -8.22 -14.18 51.84
N ASN A 6 -7.10 -14.84 52.13
CA ASN A 6 -5.91 -14.70 51.29
C ASN A 6 -6.24 -15.18 49.87
N ALA A 7 -6.91 -16.32 49.75
CA ALA A 7 -7.21 -16.88 48.45
C ALA A 7 -8.00 -15.84 47.64
N GLN A 8 -9.02 -15.25 48.27
CA GLN A 8 -9.88 -14.35 47.52
C GLN A 8 -9.11 -13.07 47.18
N TYR A 9 -8.19 -12.60 48.04
CA TYR A 9 -7.42 -11.42 47.68
C TYR A 9 -6.62 -11.68 46.41
N TYR A 10 -6.04 -12.88 46.27
CA TYR A 10 -5.24 -13.22 45.10
C TYR A 10 -6.11 -13.37 43.85
N GLN A 11 -7.32 -13.89 44.01
CA GLN A 11 -8.21 -14.10 42.88
C GLN A 11 -8.71 -12.75 42.37
N GLN A 12 -8.92 -11.80 43.29
CA GLN A 12 -9.29 -10.46 42.89
C GLN A 12 -8.16 -9.90 42.03
N GLU A 13 -6.93 -9.97 42.52
CA GLU A 13 -5.78 -9.42 41.84
C GLU A 13 -5.50 -10.14 40.52
N SER A 14 -5.78 -11.44 40.45
CA SER A 14 -5.65 -12.21 39.23
C SER A 14 -6.68 -11.77 38.17
N ALA A 15 -7.88 -11.37 38.60
CA ALA A 15 -8.93 -10.92 37.69
C ALA A 15 -8.57 -9.55 37.12
N LYS A 16 -8.02 -8.65 37.95
CA LYS A 16 -7.51 -7.38 37.46
C LYS A 16 -6.41 -7.61 36.42
N LEU A 17 -5.50 -8.55 36.72
CA LEU A 17 -4.31 -8.75 35.91
C LEU A 17 -4.69 -9.35 34.57
N ARG A 18 -5.65 -10.29 34.56
CA ARG A 18 -6.10 -10.88 33.32
C ARG A 18 -6.55 -9.81 32.34
N GLN A 19 -7.24 -8.79 32.83
CA GLN A 19 -7.71 -7.71 31.96
C GLN A 19 -6.54 -6.87 31.47
N GLN A 20 -5.64 -6.50 32.38
CA GLN A 20 -4.50 -5.67 32.05
C GLN A 20 -3.61 -6.35 30.99
N ILE A 21 -3.43 -7.65 31.14
CA ILE A 21 -2.64 -8.44 30.21
C ILE A 21 -3.25 -8.40 28.82
N ILE A 22 -4.56 -8.64 28.71
CA ILE A 22 -5.18 -8.73 27.40
C ILE A 22 -5.15 -7.35 26.76
N SER A 23 -5.32 -6.32 27.58
CA SER A 23 -5.35 -4.95 27.06
C SER A 23 -3.96 -4.50 26.58
N ILE A 24 -2.91 -4.91 27.28
CA ILE A 24 -1.58 -4.50 26.87
C ILE A 24 -1.11 -5.35 25.70
N GLN A 25 -1.51 -6.62 25.64
CA GLN A 25 -1.25 -7.42 24.45
C GLN A 25 -1.86 -6.75 23.22
N ASN A 26 -3.06 -6.16 23.36
CA ASN A 26 -3.71 -5.53 22.21
C ASN A 26 -2.96 -4.25 21.81
N SER A 27 -2.56 -3.43 22.78
CA SER A 27 -1.73 -2.28 22.50
C SER A 27 -0.43 -2.69 21.81
N ASN A 28 0.16 -3.80 22.25
CA ASN A 28 1.39 -4.26 21.65
C ASN A 28 1.11 -4.63 20.18
N ARG A 29 -0.04 -5.27 19.92
CA ARG A 29 -0.34 -5.75 18.59
C ARG A 29 -0.55 -4.55 17.67
N GLN A 30 -0.98 -3.45 18.25
CA GLN A 30 -1.14 -2.25 17.49
C GLN A 30 0.23 -1.71 17.08
N LEU A 31 1.17 -1.68 18.04
CA LEU A 31 2.50 -1.12 17.79
C LEU A 31 3.26 -1.99 16.78
N MET A 32 2.87 -3.26 16.70
CA MET A 32 3.49 -4.20 15.78
C MET A 32 2.86 -4.08 14.39
N GLY A 33 1.92 -3.16 14.21
CA GLY A 33 1.22 -2.95 12.96
C GLY A 33 0.16 -3.99 12.59
N GLU A 34 -0.29 -4.82 13.54
CA GLU A 34 -1.25 -5.87 13.21
C GLU A 34 -2.67 -5.37 12.96
N THR A 35 -3.03 -4.16 13.39
CA THR A 35 -4.43 -3.76 13.35
C THR A 35 -4.65 -2.62 12.37
N ILE A 36 -3.68 -2.39 11.47
CA ILE A 36 -3.73 -1.28 10.55
C ILE A 36 -4.97 -1.38 9.67
N GLY A 37 -5.52 -2.59 9.51
CA GLY A 37 -6.65 -2.75 8.63
C GLY A 37 -7.97 -2.24 9.22
N SER A 38 -7.97 -1.97 10.54
CA SER A 38 -9.15 -1.39 11.18
C SER A 38 -8.90 0.03 11.64
N MET A 39 -7.82 0.67 11.17
CA MET A 39 -7.47 1.97 11.73
C MET A 39 -7.87 3.08 10.75
N SER A 40 -8.25 4.21 11.34
CA SER A 40 -8.56 5.42 10.59
C SER A 40 -7.28 6.03 10.05
N PRO A 41 -7.36 6.94 9.06
CA PRO A 41 -6.19 7.74 8.65
C PRO A 41 -5.47 8.50 9.77
N LYS A 42 -6.22 9.05 10.73
CA LYS A 42 -5.66 9.80 11.86
C LYS A 42 -4.87 8.85 12.76
N GLU A 43 -5.40 7.65 13.04
CA GLU A 43 -4.68 6.69 13.88
C GLU A 43 -3.40 6.18 13.19
N LEU A 44 -3.42 5.97 11.85
CA LEU A 44 -2.26 5.52 11.11
C LEU A 44 -1.15 6.57 11.16
N ARG A 45 -1.50 7.86 11.04
CA ARG A 45 -0.59 8.98 11.16
C ARG A 45 0.03 9.01 12.54
N ASN A 46 -0.80 8.88 13.58
CA ASN A 46 -0.28 8.80 14.93
C ASN A 46 0.74 7.66 15.04
N LEU A 47 0.39 6.46 14.58
CA LEU A 47 1.23 5.30 14.83
C LEU A 47 2.55 5.41 14.03
N GLU A 48 2.47 5.99 12.81
CA GLU A 48 3.66 6.21 12.00
C GLU A 48 4.68 7.05 12.78
N GLY A 49 4.24 8.16 13.34
CA GLY A 49 5.14 9.04 14.10
C GLY A 49 5.84 8.30 15.22
N ARG A 50 5.11 7.48 15.96
CA ARG A 50 5.69 6.77 17.12
C ARG A 50 6.69 5.70 16.67
N LEU A 51 6.41 5.03 15.56
CA LEU A 51 7.28 3.92 15.09
C LEU A 51 8.49 4.50 14.36
N GLU A 52 8.35 5.68 13.77
CA GLU A 52 9.47 6.33 13.12
C GLU A 52 10.45 6.76 14.18
N ARG A 53 9.93 7.24 15.30
CA ARG A 53 10.73 7.59 16.45
C ARG A 53 11.36 6.34 17.10
N SER A 54 10.60 5.27 17.34
CA SER A 54 11.19 4.02 17.86
C SER A 54 12.34 3.50 16.98
N ILE A 55 12.15 3.44 15.66
CA ILE A 55 13.12 2.76 14.82
C ILE A 55 14.44 3.52 14.90
N THR A 56 14.37 4.86 14.98
CA THR A 56 15.53 5.72 15.06
C THR A 56 16.35 5.41 16.32
N ARG A 57 15.64 5.35 17.44
CA ARG A 57 16.24 5.10 18.73
C ARG A 57 16.84 3.70 18.75
N ILE A 58 16.18 2.75 18.07
CA ILE A 58 16.70 1.40 18.10
C ILE A 58 17.98 1.30 17.27
N ARG A 59 18.03 2.01 16.14
CA ARG A 59 19.24 2.02 15.33
C ARG A 59 20.38 2.72 16.07
N SER A 60 20.13 3.88 16.67
CA SER A 60 21.16 4.52 17.46
C SER A 60 21.71 3.56 18.51
N LYS A 61 20.83 2.88 19.23
CA LYS A 61 21.29 1.96 20.24
C LYS A 61 22.20 0.92 19.63
N LYS A 62 21.74 0.28 18.56
CA LYS A 62 22.47 -0.82 17.94
C LYS A 62 23.91 -0.40 17.57
N ASN A 63 24.06 0.84 17.09
CA ASN A 63 25.32 1.36 16.65
C ASN A 63 26.23 1.68 17.86
N GLU A 64 25.67 2.26 18.94
CA GLU A 64 26.38 2.50 20.19
C GLU A 64 27.03 1.23 20.73
N LEU A 65 26.31 0.10 20.73
CA LEU A 65 26.87 -1.13 21.27
C LEU A 65 28.20 -1.40 20.58
N LEU A 66 28.18 -1.25 19.26
CA LEU A 66 29.35 -1.50 18.44
C LEU A 66 30.40 -0.45 18.75
N PHE A 67 30.03 0.83 18.73
CA PHE A 67 30.99 1.88 19.02
C PHE A 67 31.66 1.59 20.37
N SER A 68 30.86 1.19 21.37
CA SER A 68 31.36 1.00 22.73
C SER A 68 32.32 -0.19 22.78
N GLU A 69 31.96 -1.29 22.14
CA GLU A 69 32.82 -2.45 22.16
C GLU A 69 34.14 -2.08 21.49
N ILE A 70 34.08 -1.37 20.37
CA ILE A 70 35.27 -0.99 19.63
C ILE A 70 36.15 -0.08 20.48
N ASP A 71 35.54 0.92 21.10
CA ASP A 71 36.22 1.89 21.95
C ASP A 71 36.95 1.18 23.10
N TYR A 72 36.30 0.16 23.67
CA TYR A 72 36.87 -0.61 24.77
C TYR A 72 38.11 -1.36 24.27
N MET A 73 38.03 -1.94 23.08
CA MET A 73 39.11 -2.80 22.59
C MET A 73 40.31 -1.95 22.16
N GLN A 74 40.05 -0.73 21.67
CA GLN A 74 41.12 0.18 21.29
C GLN A 74 41.92 0.60 22.53
N LYS A 75 41.24 0.84 23.65
CA LYS A 75 41.92 1.25 24.88
C LYS A 75 42.66 0.07 25.49
N ARG A 76 42.10 -1.13 25.31
CA ARG A 76 42.77 -2.38 25.67
C ARG A 76 44.09 -2.49 24.90
N GLU A 77 44.05 -2.19 23.59
CA GLU A 77 45.19 -2.34 22.71
C GLU A 77 46.34 -1.44 23.19
N VAL A 78 46.01 -0.17 23.49
CA VAL A 78 46.97 0.80 23.99
C VAL A 78 47.50 0.36 25.36
N ASP A 79 46.61 -0.06 26.25
CA ASP A 79 46.99 -0.48 27.59
C ASP A 79 47.96 -1.64 27.54
N LEU A 80 47.72 -2.61 26.66
CA LEU A 80 48.60 -3.77 26.56
C LEU A 80 49.92 -3.38 25.88
N HIS A 81 49.86 -2.44 24.92
CA HIS A 81 51.06 -1.96 24.25
C HIS A 81 51.97 -1.27 25.27
N ASN A 82 51.37 -0.56 26.23
CA ASN A 82 52.11 0.15 27.26
C ASN A 82 52.72 -0.83 28.26
N ASP A 83 52.00 -1.89 28.61
CA ASP A 83 52.53 -2.89 29.53
C ASP A 83 53.79 -3.51 28.93
N ASN A 84 53.76 -3.78 27.63
CA ASN A 84 54.80 -4.55 26.96
C ASN A 84 56.06 -3.73 26.70
N GLN A 85 55.94 -2.39 26.62
CA GLN A 85 57.09 -1.52 26.40
C GLN A 85 57.82 -1.30 27.73
N ILE A 86 57.09 -1.41 28.84
CA ILE A 86 57.68 -1.30 30.17
C ILE A 86 58.55 -2.53 30.44
N LEU A 87 58.09 -3.71 29.98
CA LEU A 87 58.80 -4.96 30.19
C LEU A 87 59.93 -5.12 29.16
N ARG A 88 59.85 -4.44 28.02
CA ARG A 88 60.95 -4.38 27.05
C ARG A 88 62.02 -3.38 27.49
N ALA A 89 61.65 -2.46 28.41
CA ALA A 89 62.60 -1.58 29.05
C ALA A 89 63.18 -2.23 30.30
N LYS A 90 62.58 -3.36 30.75
CA LYS A 90 63.12 -4.16 31.84
C LYS A 90 64.15 -5.18 31.37
N ILE A 91 63.99 -5.75 30.16
CA ILE A 91 65.01 -6.60 29.57
C ILE A 91 66.27 -5.77 29.28
N ALA A 92 66.08 -4.58 28.68
CA ALA A 92 67.20 -3.79 28.18
C ALA A 92 68.09 -3.32 29.32
N GLU A 93 67.47 -2.94 30.45
CA GLU A 93 68.22 -2.36 31.59
C GLU A 93 68.73 -3.48 32.52
N ASN A 94 67.89 -3.98 33.41
CA ASN A 94 68.30 -5.12 34.26
C ASN A 94 68.51 -6.32 33.33
N ARG A 95 69.08 -7.41 33.81
CA ARG A 95 69.34 -8.52 32.88
C ARG A 95 70.04 -7.90 31.66
N ASN A 96 70.84 -6.86 31.88
CA ASN A 96 71.53 -6.13 30.80
C ASN A 96 72.94 -6.69 30.59
N SER B 1 35.09 41.74 -35.26
CA SER B 1 35.86 41.59 -34.00
C SER B 1 34.91 41.28 -32.84
N VAL B 2 33.81 42.03 -32.72
CA VAL B 2 32.85 41.83 -31.63
C VAL B 2 32.19 40.45 -31.76
N ALA B 3 31.94 39.99 -33.00
CA ALA B 3 31.33 38.70 -33.23
C ALA B 3 32.32 37.58 -32.96
N GLU B 4 33.61 37.83 -33.24
CA GLU B 4 34.65 36.85 -33.06
C GLU B 4 35.00 36.71 -31.58
N ILE B 5 34.89 37.80 -30.79
CA ILE B 5 35.21 37.72 -29.37
C ILE B 5 34.02 37.14 -28.59
N ASN B 6 32.80 37.39 -29.07
CA ASN B 6 31.63 36.78 -28.48
C ASN B 6 31.70 35.27 -28.75
N ALA B 7 32.06 34.90 -29.98
CA ALA B 7 32.11 33.49 -30.37
C ALA B 7 33.04 32.69 -29.46
N GLN B 8 34.18 33.29 -29.08
CA GLN B 8 35.18 32.59 -28.27
C GLN B 8 34.80 32.68 -26.79
N TYR B 9 33.92 33.63 -26.44
CA TYR B 9 33.38 33.71 -25.09
C TYR B 9 32.39 32.56 -24.83
N TYR B 10 31.52 32.27 -25.80
CA TYR B 10 30.56 31.19 -25.70
C TYR B 10 31.25 29.81 -25.77
N GLN B 11 32.40 29.72 -26.46
CA GLN B 11 33.08 28.43 -26.58
C GLN B 11 33.86 28.12 -25.30
N GLN B 12 34.36 29.19 -24.65
CA GLN B 12 35.01 29.08 -23.36
C GLN B 12 33.99 28.62 -22.30
N GLU B 13 32.81 29.27 -22.27
CA GLU B 13 31.77 28.97 -21.31
C GLU B 13 31.16 27.59 -21.58
N SER B 14 31.12 27.18 -22.86
CA SER B 14 30.62 25.87 -23.21
C SER B 14 31.55 24.79 -22.64
N ALA B 15 32.86 25.03 -22.72
CA ALA B 15 33.86 24.11 -22.20
C ALA B 15 33.69 23.96 -20.68
N LYS B 16 33.45 25.08 -19.99
CA LYS B 16 33.23 25.07 -18.55
C LYS B 16 32.01 24.25 -18.16
N LEU B 17 30.93 24.42 -18.91
CA LEU B 17 29.70 23.68 -18.75
C LEU B 17 29.90 22.17 -19.00
N ARG B 18 30.78 21.80 -19.95
CA ARG B 18 30.98 20.38 -20.24
C ARG B 18 31.66 19.74 -19.04
N GLN B 19 32.49 20.50 -18.33
CA GLN B 19 33.17 20.00 -17.14
C GLN B 19 32.19 19.82 -16.00
N GLN B 20 31.31 20.82 -15.82
CA GLN B 20 30.37 20.81 -14.72
C GLN B 20 29.32 19.72 -14.91
N ILE B 21 28.95 19.44 -16.17
CA ILE B 21 27.99 18.41 -16.51
C ILE B 21 28.51 17.01 -16.17
N ILE B 22 29.74 16.68 -16.59
CA ILE B 22 30.29 15.37 -16.27
C ILE B 22 30.43 15.25 -14.74
N SER B 23 30.83 16.36 -14.11
CA SER B 23 31.11 16.40 -12.69
C SER B 23 29.81 16.22 -11.89
N ILE B 24 28.74 16.87 -12.30
CA ILE B 24 27.49 16.78 -11.58
C ILE B 24 26.82 15.44 -11.86
N GLN B 25 27.10 14.83 -13.03
CA GLN B 25 26.50 13.56 -13.36
C GLN B 25 27.02 12.50 -12.39
N ASN B 26 28.31 12.63 -12.07
CA ASN B 26 28.98 11.73 -11.16
C ASN B 26 28.47 11.95 -9.73
N SER B 27 28.41 13.21 -9.31
CA SER B 27 27.89 13.54 -7.99
C SER B 27 26.47 13.02 -7.82
N ASN B 28 25.63 13.19 -8.83
CA ASN B 28 24.27 12.67 -8.74
C ASN B 28 24.27 11.16 -8.56
N ARG B 29 25.17 10.45 -9.27
CA ARG B 29 25.20 9.00 -9.17
C ARG B 29 25.55 8.58 -7.74
N GLN B 30 26.46 9.32 -7.13
CA GLN B 30 26.87 9.07 -5.77
C GLN B 30 25.66 9.23 -4.83
N LEU B 31 24.88 10.30 -4.99
CA LEU B 31 23.72 10.56 -4.12
C LEU B 31 22.63 9.51 -4.37
N MET B 32 22.65 8.89 -5.57
CA MET B 32 21.70 7.85 -5.94
C MET B 32 22.17 6.47 -5.43
N GLY B 33 23.37 6.42 -4.87
CA GLY B 33 23.79 5.26 -4.10
C GLY B 33 24.54 4.24 -4.95
N GLU B 34 25.07 4.67 -6.11
CA GLU B 34 25.67 3.75 -7.06
C GLU B 34 27.13 3.46 -6.72
N THR B 35 27.74 4.20 -5.80
CA THR B 35 29.14 3.96 -5.47
C THR B 35 29.30 3.47 -4.03
N ILE B 36 28.20 3.09 -3.38
CA ILE B 36 28.20 2.71 -1.96
C ILE B 36 29.26 1.63 -1.73
N GLY B 37 29.34 0.65 -2.64
CA GLY B 37 30.19 -0.52 -2.51
C GLY B 37 31.68 -0.21 -2.29
N SER B 38 32.15 0.89 -2.87
CA SER B 38 33.57 1.19 -2.90
C SER B 38 33.90 2.38 -2.00
N MET B 39 33.02 2.68 -1.03
CA MET B 39 33.18 3.86 -0.22
C MET B 39 33.86 3.48 1.11
N SER B 40 34.61 4.42 1.67
CA SER B 40 35.22 4.28 2.99
C SER B 40 34.16 4.41 4.08
N PRO B 41 34.43 4.00 5.33
CA PRO B 41 33.48 4.22 6.43
C PRO B 41 33.12 5.68 6.62
N LYS B 42 34.07 6.57 6.40
CA LYS B 42 33.83 8.00 6.56
C LYS B 42 32.85 8.49 5.49
N GLU B 43 33.08 8.07 4.25
CA GLU B 43 32.25 8.48 3.13
C GLU B 43 30.82 7.97 3.29
N LEU B 44 30.66 6.78 3.91
CA LEU B 44 29.37 6.18 4.17
C LEU B 44 28.63 7.00 5.23
N ARG B 45 29.30 7.32 6.35
CA ARG B 45 28.74 8.18 7.40
C ARG B 45 28.20 9.45 6.75
N ASN B 46 29.03 10.09 5.94
CA ASN B 46 28.63 11.32 5.32
C ASN B 46 27.34 11.11 4.52
N LEU B 47 27.33 10.12 3.63
CA LEU B 47 26.22 9.96 2.72
C LEU B 47 24.95 9.56 3.48
N GLU B 48 25.11 8.73 4.51
CA GLU B 48 23.95 8.33 5.31
C GLU B 48 23.24 9.58 5.83
N GLY B 49 24.01 10.50 6.40
CA GLY B 49 23.39 11.68 6.99
C GLY B 49 22.65 12.53 5.95
N ARG B 50 23.26 12.71 4.78
CA ARG B 50 22.64 13.45 3.69
C ARG B 50 21.35 12.77 3.18
N LEU B 51 21.37 11.43 3.03
CA LEU B 51 20.23 10.71 2.48
C LEU B 51 19.10 10.62 3.50
N GLU B 52 19.42 10.52 4.79
CA GLU B 52 18.35 10.54 5.82
C GLU B 52 17.65 11.91 5.80
N ARG B 53 18.39 12.99 5.60
CA ARG B 53 17.81 14.34 5.53
C ARG B 53 16.92 14.42 4.29
N SER B 54 17.41 13.89 3.18
CA SER B 54 16.64 13.95 1.91
C SER B 54 15.36 13.14 2.03
N ILE B 55 15.40 11.98 2.70
CA ILE B 55 14.22 11.15 2.69
C ILE B 55 13.21 11.75 3.67
N THR B 56 13.67 12.42 4.71
CA THR B 56 12.74 13.03 5.64
C THR B 56 12.01 14.15 4.92
N ARG B 57 12.75 14.96 4.14
CA ARG B 57 12.15 16.14 3.50
C ARG B 57 11.21 15.72 2.39
N ILE B 58 11.59 14.67 1.66
CA ILE B 58 10.79 14.23 0.52
C ILE B 58 9.48 13.61 1.03
N ARG B 59 9.57 12.78 2.06
CA ARG B 59 8.39 12.17 2.63
C ARG B 59 7.47 13.26 3.13
N SER B 60 8.03 14.22 3.85
CA SER B 60 7.26 15.32 4.42
C SER B 60 6.58 16.13 3.31
N LYS B 61 7.29 16.38 2.23
CA LYS B 61 6.75 17.16 1.13
C LYS B 61 5.60 16.41 0.48
N LYS B 62 5.82 15.13 0.17
CA LYS B 62 4.80 14.31 -0.47
C LYS B 62 3.47 14.40 0.30
N ASN B 63 3.55 14.43 1.63
CA ASN B 63 2.38 14.52 2.48
C ASN B 63 1.78 15.93 2.44
N GLU B 64 2.61 16.98 2.52
CA GLU B 64 2.11 18.35 2.48
C GLU B 64 1.34 18.60 1.20
N LEU B 65 1.82 18.09 0.05
CA LEU B 65 1.17 18.39 -1.23
C LEU B 65 -0.19 17.69 -1.30
N LEU B 66 -0.24 16.44 -0.84
CA LEU B 66 -1.48 15.72 -0.78
C LEU B 66 -2.47 16.48 0.09
N PHE B 67 -2.05 16.87 1.28
CA PHE B 67 -2.92 17.60 2.18
C PHE B 67 -3.45 18.86 1.50
N SER B 68 -2.55 19.65 0.90
CA SER B 68 -2.95 20.87 0.22
C SER B 68 -3.98 20.65 -0.88
N GLU B 69 -3.80 19.65 -1.75
CA GLU B 69 -4.75 19.38 -2.80
C GLU B 69 -6.09 18.92 -2.21
N ILE B 70 -6.05 18.20 -1.09
CA ILE B 70 -7.27 17.82 -0.43
C ILE B 70 -7.93 19.08 0.12
N ASP B 71 -7.12 19.97 0.69
CA ASP B 71 -7.65 21.14 1.36
C ASP B 71 -8.34 22.04 0.33
N TYR B 72 -7.68 22.21 -0.83
CA TYR B 72 -8.20 22.94 -1.96
C TYR B 72 -9.57 22.40 -2.40
N MET B 73 -9.66 21.10 -2.70
CA MET B 73 -10.87 20.50 -3.23
C MET B 73 -11.99 20.51 -2.20
N GLN B 74 -11.64 20.50 -0.92
CA GLN B 74 -12.64 20.58 0.14
C GLN B 74 -13.29 21.97 0.16
N LYS B 75 -12.48 23.02 -0.01
CA LYS B 75 -12.98 24.38 -0.07
C LYS B 75 -13.85 24.54 -1.30
N ARG B 76 -13.34 24.07 -2.45
CA ARG B 76 -14.05 24.10 -3.71
C ARG B 76 -15.43 23.44 -3.56
N GLU B 77 -15.55 22.43 -2.70
CA GLU B 77 -16.82 21.80 -2.42
C GLU B 77 -17.73 22.77 -1.65
N VAL B 78 -17.22 23.34 -0.55
CA VAL B 78 -17.99 24.28 0.24
C VAL B 78 -18.44 25.45 -0.65
N ASP B 79 -17.49 26.05 -1.38
CA ASP B 79 -17.75 27.20 -2.22
C ASP B 79 -18.81 26.91 -3.29
N LEU B 80 -18.89 25.66 -3.77
CA LEU B 80 -19.89 25.30 -4.77
C LEU B 80 -21.24 25.01 -4.10
N HIS B 81 -21.23 24.45 -2.88
CA HIS B 81 -22.47 24.20 -2.17
C HIS B 81 -23.14 25.52 -1.76
N ASN B 82 -22.32 26.55 -1.52
CA ASN B 82 -22.80 27.88 -1.19
C ASN B 82 -23.33 28.55 -2.45
N ASP B 83 -22.64 28.35 -3.58
CA ASP B 83 -23.05 28.90 -4.87
C ASP B 83 -24.39 28.32 -5.31
N ASN B 84 -24.74 27.11 -4.82
CA ASN B 84 -25.96 26.45 -5.26
C ASN B 84 -27.15 26.83 -4.40
N GLN B 85 -26.92 27.24 -3.14
CA GLN B 85 -27.99 27.68 -2.26
C GLN B 85 -28.35 29.14 -2.53
N ILE B 86 -27.41 29.94 -3.04
CA ILE B 86 -27.73 31.29 -3.47
C ILE B 86 -28.60 31.20 -4.73
N LEU B 87 -28.24 30.29 -5.65
CA LEU B 87 -28.98 30.11 -6.89
C LEU B 87 -30.40 29.60 -6.60
N ARG B 88 -30.57 28.69 -5.62
CA ARG B 88 -31.90 28.16 -5.29
C ARG B 88 -32.74 29.23 -4.60
N ALA B 89 -32.21 29.80 -3.51
CA ALA B 89 -32.91 30.81 -2.73
C ALA B 89 -32.98 32.15 -3.47
N LYS B 90 -32.49 32.21 -4.72
CA LYS B 90 -32.64 33.40 -5.55
C LYS B 90 -34.10 33.82 -5.60
N ILE B 91 -35.02 32.84 -5.54
CA ILE B 91 -36.46 33.06 -5.50
C ILE B 91 -37.13 31.86 -4.83
N ALA C 3 -37.73 -31.51 33.51
CA ALA C 3 -37.34 -30.08 33.64
C ALA C 3 -35.82 -29.93 33.78
N GLU C 4 -35.21 -30.82 34.59
CA GLU C 4 -33.78 -30.81 34.86
C GLU C 4 -32.99 -31.29 33.64
N ILE C 5 -33.59 -32.23 32.86
CA ILE C 5 -32.95 -32.83 31.69
C ILE C 5 -33.15 -31.92 30.47
N ASN C 6 -34.30 -31.23 30.42
CA ASN C 6 -34.58 -30.28 29.35
C ASN C 6 -33.62 -29.10 29.49
N ALA C 7 -33.47 -28.60 30.73
CA ALA C 7 -32.54 -27.54 31.02
C ALA C 7 -31.13 -27.92 30.55
N GLN C 8 -30.69 -29.15 30.83
CA GLN C 8 -29.37 -29.59 30.39
C GLN C 8 -29.30 -29.65 28.86
N TYR C 9 -30.45 -29.86 28.20
CA TYR C 9 -30.52 -30.04 26.76
C TYR C 9 -30.25 -28.69 26.10
N TYR C 10 -30.93 -27.66 26.60
CA TYR C 10 -30.72 -26.30 26.12
C TYR C 10 -29.33 -25.78 26.46
N GLN C 11 -28.76 -26.20 27.58
CA GLN C 11 -27.41 -25.79 27.92
C GLN C 11 -26.42 -26.39 26.90
N GLN C 12 -26.61 -27.67 26.56
CA GLN C 12 -25.78 -28.33 25.57
C GLN C 12 -25.86 -27.55 24.25
N GLU C 13 -27.09 -27.23 23.82
CA GLU C 13 -27.30 -26.52 22.58
C GLU C 13 -26.68 -25.13 22.61
N SER C 14 -26.67 -24.50 23.78
CA SER C 14 -26.10 -23.17 23.94
C SER C 14 -24.58 -23.25 23.83
N ALA C 15 -24.00 -24.27 24.45
CA ALA C 15 -22.56 -24.48 24.40
C ALA C 15 -22.09 -24.61 22.96
N LYS C 16 -22.82 -25.39 22.15
CA LYS C 16 -22.48 -25.57 20.76
C LYS C 16 -22.50 -24.22 20.05
N LEU C 17 -23.56 -23.44 20.26
CA LEU C 17 -23.71 -22.18 19.55
C LEU C 17 -22.59 -21.23 19.92
N ARG C 18 -22.15 -21.19 21.19
CA ARG C 18 -21.14 -20.22 21.59
C ARG C 18 -19.85 -20.42 20.77
N GLN C 19 -19.46 -21.68 20.53
CA GLN C 19 -18.27 -21.97 19.74
C GLN C 19 -18.46 -21.52 18.29
N GLN C 20 -19.62 -21.81 17.70
CA GLN C 20 -19.85 -21.44 16.30
C GLN C 20 -19.81 -19.92 16.15
N ILE C 21 -20.31 -19.21 17.17
CA ILE C 21 -20.34 -17.76 17.20
C ILE C 21 -18.91 -17.18 17.22
N ILE C 22 -18.05 -17.72 18.07
CA ILE C 22 -16.68 -17.23 18.17
C ILE C 22 -15.98 -17.44 16.85
N SER C 23 -16.09 -18.66 16.32
CA SER C 23 -15.51 -19.02 15.04
C SER C 23 -15.97 -18.10 13.90
N ILE C 24 -17.28 -17.86 13.79
CA ILE C 24 -17.81 -17.05 12.70
C ILE C 24 -17.48 -15.56 12.90
N GLN C 25 -17.35 -15.11 14.16
CA GLN C 25 -16.96 -13.73 14.42
C GLN C 25 -15.55 -13.44 13.89
N ASN C 26 -14.67 -14.43 14.04
CA ASN C 26 -13.32 -14.33 13.54
C ASN C 26 -13.29 -14.35 12.02
N SER C 27 -14.02 -15.27 11.40
CA SER C 27 -14.07 -15.33 9.94
C SER C 27 -14.62 -14.02 9.35
N ASN C 28 -15.64 -13.46 10.00
CA ASN C 28 -16.20 -12.20 9.55
C ASN C 28 -15.14 -11.08 9.57
N ARG C 29 -14.34 -10.98 10.65
CA ARG C 29 -13.39 -9.88 10.80
C ARG C 29 -12.35 -9.98 9.68
N GLN C 30 -11.97 -11.21 9.34
CA GLN C 30 -11.07 -11.42 8.22
C GLN C 30 -11.73 -10.93 6.93
N LEU C 31 -13.00 -11.32 6.66
CA LEU C 31 -13.66 -10.94 5.40
C LEU C 31 -13.90 -9.43 5.31
N MET C 32 -13.88 -8.75 6.46
CA MET C 32 -14.04 -7.31 6.53
C MET C 32 -12.71 -6.55 6.33
N GLY C 33 -11.61 -7.30 6.17
CA GLY C 33 -10.32 -6.69 5.89
C GLY C 33 -9.60 -6.16 7.14
N GLU C 34 -10.03 -6.62 8.32
CA GLU C 34 -9.56 -6.06 9.58
C GLU C 34 -8.21 -6.66 9.97
N THR C 35 -7.85 -7.84 9.43
CA THR C 35 -6.66 -8.52 9.86
C THR C 35 -5.55 -8.51 8.82
N ILE C 36 -5.66 -7.65 7.81
CA ILE C 36 -4.68 -7.62 6.73
C ILE C 36 -3.27 -7.28 7.25
N GLY C 37 -3.17 -6.58 8.40
CA GLY C 37 -1.87 -6.22 8.94
C GLY C 37 -1.08 -7.41 9.49
N SER C 38 -1.75 -8.54 9.73
CA SER C 38 -1.09 -9.72 10.27
C SER C 38 -1.12 -10.86 9.26
N MET C 39 -1.40 -10.58 8.01
CA MET C 39 -1.60 -11.66 7.06
C MET C 39 -0.36 -11.79 6.18
N SER C 40 -0.09 -13.01 5.72
CA SER C 40 0.98 -13.30 4.77
C SER C 40 0.56 -12.88 3.37
N PRO C 41 1.50 -12.77 2.41
CA PRO C 41 1.13 -12.47 1.02
C PRO C 41 0.18 -13.50 0.44
N LYS C 42 0.43 -14.77 0.72
CA LYS C 42 -0.42 -15.82 0.23
C LYS C 42 -1.85 -15.58 0.73
N GLU C 43 -1.99 -15.31 2.04
CA GLU C 43 -3.30 -15.10 2.65
C GLU C 43 -4.01 -13.87 2.07
N LEU C 44 -3.26 -12.81 1.76
CA LEU C 44 -3.85 -11.65 1.15
C LEU C 44 -4.40 -12.02 -0.23
N ARG C 45 -3.63 -12.79 -1.01
CA ARG C 45 -4.01 -13.21 -2.35
C ARG C 45 -5.32 -13.99 -2.27
N ASN C 46 -5.39 -14.91 -1.32
CA ASN C 46 -6.59 -15.69 -1.13
C ASN C 46 -7.78 -14.78 -0.82
N LEU C 47 -7.61 -13.82 0.09
CA LEU C 47 -8.73 -12.99 0.50
C LEU C 47 -9.18 -12.11 -0.66
N GLU C 48 -8.21 -11.56 -1.41
CA GLU C 48 -8.51 -10.72 -2.56
C GLU C 48 -9.41 -11.45 -3.56
N GLY C 49 -9.16 -12.74 -3.75
CA GLY C 49 -9.97 -13.53 -4.68
C GLY C 49 -11.39 -13.69 -4.20
N ARG C 50 -11.57 -13.98 -2.92
CA ARG C 50 -12.92 -14.19 -2.35
C ARG C 50 -13.70 -12.86 -2.40
N LEU C 51 -13.03 -11.76 -2.14
CA LEU C 51 -13.71 -10.44 -2.07
C LEU C 51 -13.96 -9.89 -3.48
N GLU C 52 -13.06 -10.16 -4.42
CA GLU C 52 -13.31 -9.74 -5.79
C GLU C 52 -14.53 -10.50 -6.32
N ARG C 53 -14.65 -11.79 -5.99
CA ARG C 53 -15.82 -12.56 -6.35
C ARG C 53 -17.05 -12.02 -5.62
N SER C 54 -16.93 -11.64 -4.35
CA SER C 54 -18.09 -11.16 -3.63
C SER C 54 -18.63 -9.89 -4.26
N ILE C 55 -17.75 -8.98 -4.64
CA ILE C 55 -18.20 -7.67 -5.05
C ILE C 55 -18.86 -7.78 -6.43
N THR C 56 -18.40 -8.73 -7.25
CA THR C 56 -18.95 -8.97 -8.57
C THR C 56 -20.39 -9.48 -8.46
N ARG C 57 -20.62 -10.42 -7.52
CA ARG C 57 -21.92 -11.00 -7.29
C ARG C 57 -22.88 -9.97 -6.72
N ILE C 58 -22.42 -9.13 -5.79
CA ILE C 58 -23.26 -8.12 -5.17
C ILE C 58 -23.66 -7.06 -6.19
N ARG C 59 -22.77 -6.71 -7.11
CA ARG C 59 -23.11 -5.75 -8.17
C ARG C 59 -24.17 -6.37 -9.07
N SER C 60 -23.89 -7.59 -9.54
CA SER C 60 -24.79 -8.29 -10.43
C SER C 60 -26.17 -8.38 -9.81
N LYS C 61 -26.24 -8.75 -8.54
CA LYS C 61 -27.50 -8.88 -7.85
C LYS C 61 -28.19 -7.52 -7.77
N LYS C 62 -27.46 -6.47 -7.40
CA LYS C 62 -28.08 -5.17 -7.25
C LYS C 62 -28.74 -4.77 -8.57
N ASN C 63 -28.08 -5.04 -9.69
CA ASN C 63 -28.61 -4.65 -10.98
C ASN C 63 -29.80 -5.54 -11.31
N GLU C 64 -29.73 -6.84 -10.96
CA GLU C 64 -30.78 -7.81 -11.23
C GLU C 64 -32.06 -7.49 -10.43
N LEU C 65 -31.92 -6.96 -9.22
CA LEU C 65 -33.07 -6.60 -8.40
C LEU C 65 -33.79 -5.41 -9.02
N LEU C 66 -33.02 -4.44 -9.53
CA LEU C 66 -33.61 -3.27 -10.17
C LEU C 66 -34.33 -3.69 -11.46
N PHE C 67 -33.64 -4.42 -12.34
CA PHE C 67 -34.23 -4.81 -13.61
C PHE C 67 -35.57 -5.51 -13.33
N SER C 68 -35.58 -6.44 -12.37
CA SER C 68 -36.79 -7.17 -11.99
C SER C 68 -37.94 -6.26 -11.55
N GLU C 69 -37.66 -5.25 -10.73
CA GLU C 69 -38.72 -4.39 -10.26
C GLU C 69 -39.25 -3.64 -11.48
N ILE C 70 -38.34 -3.09 -12.30
CA ILE C 70 -38.74 -2.36 -13.49
C ILE C 70 -39.58 -3.26 -14.40
N ASP C 71 -39.17 -4.52 -14.59
CA ASP C 71 -39.87 -5.45 -15.46
C ASP C 71 -41.31 -5.67 -15.00
N TYR C 72 -41.49 -5.81 -13.67
CA TYR C 72 -42.77 -6.05 -13.04
C TYR C 72 -43.66 -4.81 -13.19
N MET C 73 -43.07 -3.63 -12.98
CA MET C 73 -43.81 -2.38 -13.01
C MET C 73 -44.30 -2.10 -14.43
N GLN C 74 -43.43 -2.36 -15.41
CA GLN C 74 -43.76 -2.19 -16.81
C GLN C 74 -44.96 -3.07 -17.18
N LYS C 75 -44.95 -4.35 -16.76
CA LYS C 75 -46.02 -5.29 -17.06
C LYS C 75 -47.34 -4.88 -16.39
N ARG C 76 -47.27 -4.32 -15.18
CA ARG C 76 -48.43 -3.73 -14.53
C ARG C 76 -48.99 -2.56 -15.34
N GLU C 77 -48.13 -1.75 -15.96
CA GLU C 77 -48.58 -0.65 -16.80
C GLU C 77 -49.43 -1.22 -17.93
N VAL C 78 -48.91 -2.26 -18.59
CA VAL C 78 -49.60 -2.91 -19.69
C VAL C 78 -50.91 -3.51 -19.20
N ASP C 79 -50.84 -4.24 -18.08
CA ASP C 79 -52.03 -4.87 -17.52
C ASP C 79 -53.10 -3.82 -17.25
N LEU C 80 -52.73 -2.71 -16.59
CA LEU C 80 -53.71 -1.70 -16.18
C LEU C 80 -54.32 -0.98 -17.40
N HIS C 81 -53.51 -0.75 -18.44
CA HIS C 81 -53.99 -0.08 -19.64
C HIS C 81 -54.99 -0.98 -20.35
N ASN C 82 -54.71 -2.29 -20.39
CA ASN C 82 -55.61 -3.26 -21.00
C ASN C 82 -56.92 -3.38 -20.23
N ASP C 83 -56.88 -3.21 -18.90
CA ASP C 83 -58.10 -3.24 -18.09
C ASP C 83 -58.94 -2.01 -18.42
N ASN C 84 -58.28 -0.87 -18.65
CA ASN C 84 -58.97 0.39 -18.81
C ASN C 84 -59.63 0.49 -20.18
N GLN C 85 -58.98 -0.05 -21.22
CA GLN C 85 -59.51 0.00 -22.58
C GLN C 85 -60.71 -0.94 -22.70
N ILE C 86 -60.74 -2.00 -21.89
CA ILE C 86 -61.88 -2.91 -21.82
C ILE C 86 -63.05 -2.16 -21.19
N LEU C 87 -62.79 -1.39 -20.13
CA LEU C 87 -63.81 -0.61 -19.45
C LEU C 87 -64.33 0.52 -20.35
N ARG C 88 -63.44 1.24 -21.04
CA ARG C 88 -63.87 2.38 -21.84
C ARG C 88 -64.77 1.91 -23.00
N ALA C 89 -64.54 0.69 -23.50
CA ALA C 89 -65.31 0.11 -24.59
C ALA C 89 -66.69 -0.33 -24.11
N LYS C 90 -66.79 -0.74 -22.84
CA LYS C 90 -68.06 -1.14 -22.25
C LYS C 90 -68.92 0.09 -22.05
N ILE C 91 -68.29 1.20 -21.62
CA ILE C 91 -69.00 2.45 -21.37
C ILE C 91 -69.38 3.11 -22.71
N ALA C 92 -68.66 2.79 -23.79
CA ALA C 92 -68.98 3.35 -25.10
C ALA C 92 -70.18 2.64 -25.72
N GLU C 93 -70.33 1.34 -25.42
CA GLU C 93 -71.54 0.59 -25.72
C GLU C 93 -72.70 1.19 -24.93
N ASN C 94 -72.41 1.67 -23.71
CA ASN C 94 -73.38 2.22 -22.78
C ASN C 94 -73.74 3.67 -23.17
N ALA D 3 7.43 7.54 -60.87
CA ALA D 3 7.42 8.64 -59.86
C ALA D 3 6.04 9.27 -59.75
N GLU D 4 5.31 9.40 -60.87
CA GLU D 4 3.97 9.96 -60.91
C GLU D 4 2.96 8.99 -60.28
N ILE D 5 3.12 7.68 -60.53
CA ILE D 5 2.19 6.66 -60.07
C ILE D 5 2.42 6.36 -58.59
N ASN D 6 3.68 6.48 -58.14
CA ASN D 6 4.02 6.30 -56.74
C ASN D 6 3.50 7.47 -55.91
N ALA D 7 3.58 8.69 -56.48
CA ALA D 7 3.19 9.91 -55.80
C ALA D 7 1.68 9.92 -55.51
N GLN D 8 0.88 9.43 -56.48
CA GLN D 8 -0.57 9.41 -56.34
C GLN D 8 -1.03 8.22 -55.50
N TYR D 9 -0.18 7.18 -55.40
CA TYR D 9 -0.42 6.06 -54.48
C TYR D 9 -0.27 6.53 -53.03
N TYR D 10 0.73 7.39 -52.77
CA TYR D 10 1.01 7.84 -51.41
C TYR D 10 0.07 8.98 -50.99
N GLN D 11 -0.59 9.61 -51.97
CA GLN D 11 -1.59 10.64 -51.68
C GLN D 11 -2.95 10.02 -51.40
N GLN D 12 -3.24 8.85 -51.99
CA GLN D 12 -4.49 8.15 -51.73
C GLN D 12 -4.43 7.46 -50.38
N GLU D 13 -3.26 6.93 -49.99
CA GLU D 13 -3.06 6.24 -48.72
C GLU D 13 -3.01 7.24 -47.56
N SER D 14 -2.52 8.46 -47.84
CA SER D 14 -2.47 9.54 -46.86
C SER D 14 -3.86 10.10 -46.60
N ALA D 15 -4.75 10.02 -47.59
CA ALA D 15 -6.12 10.52 -47.48
C ALA D 15 -7.00 9.53 -46.72
N LYS D 16 -6.66 8.24 -46.81
CA LYS D 16 -7.30 7.17 -46.04
C LYS D 16 -6.87 7.19 -44.58
N LEU D 17 -5.58 7.48 -44.32
CA LEU D 17 -5.04 7.49 -42.96
C LEU D 17 -5.56 8.70 -42.18
N ARG D 18 -5.81 9.83 -42.83
CA ARG D 18 -6.28 11.03 -42.15
C ARG D 18 -7.69 10.82 -41.60
N GLN D 19 -8.50 9.99 -42.28
CA GLN D 19 -9.86 9.70 -41.86
C GLN D 19 -9.84 8.64 -40.76
N GLN D 20 -8.90 7.69 -40.83
CA GLN D 20 -8.76 6.62 -39.85
C GLN D 20 -8.19 7.16 -38.54
N ILE D 21 -7.35 8.21 -38.63
CA ILE D 21 -6.72 8.82 -37.47
C ILE D 21 -7.78 9.53 -36.63
N ILE D 22 -8.58 10.39 -37.26
CA ILE D 22 -9.57 11.19 -36.56
C ILE D 22 -10.64 10.28 -35.94
N SER D 23 -10.93 9.13 -36.59
CA SER D 23 -11.97 8.21 -36.14
C SER D 23 -11.52 7.39 -34.92
N ILE D 24 -10.25 6.93 -34.95
CA ILE D 24 -9.63 6.26 -33.82
C ILE D 24 -9.55 7.22 -32.64
N GLN D 25 -9.03 8.44 -32.87
CA GLN D 25 -8.93 9.44 -31.80
C GLN D 25 -10.24 9.52 -31.03
N ASN D 26 -11.38 9.44 -31.75
CA ASN D 26 -12.68 9.61 -31.13
C ASN D 26 -13.11 8.35 -30.37
N SER D 27 -12.83 7.17 -30.93
CA SER D 27 -13.14 5.91 -30.26
C SER D 27 -12.23 5.69 -29.04
N ASN D 28 -11.00 6.25 -29.08
CA ASN D 28 -10.11 6.24 -27.93
C ASN D 28 -10.63 7.20 -26.84
N ARG D 29 -11.14 8.37 -27.23
CA ARG D 29 -11.65 9.33 -26.25
C ARG D 29 -12.86 8.73 -25.53
N GLN D 30 -13.58 7.84 -26.22
CA GLN D 30 -14.74 7.19 -25.66
C GLN D 30 -14.31 6.19 -24.58
N LEU D 31 -13.27 5.39 -24.92
CA LEU D 31 -12.68 4.38 -24.05
C LEU D 31 -11.97 5.02 -22.85
N MET D 32 -11.60 6.29 -22.95
CA MET D 32 -11.01 7.03 -21.85
C MET D 32 -12.09 7.68 -20.98
N GLY D 33 -13.36 7.45 -21.34
CA GLY D 33 -14.47 7.84 -20.50
C GLY D 33 -14.74 9.34 -20.56
N GLU D 34 -14.46 9.95 -21.71
CA GLU D 34 -14.58 11.39 -21.86
C GLU D 34 -16.00 11.76 -22.31
N THR D 35 -16.75 10.81 -22.90
CA THR D 35 -18.08 11.09 -23.44
C THR D 35 -19.17 10.40 -22.63
N ILE D 36 -18.89 10.06 -21.36
CA ILE D 36 -19.79 9.27 -20.53
C ILE D 36 -21.10 10.02 -20.31
N GLY D 37 -21.00 11.33 -20.03
CA GLY D 37 -22.17 12.16 -19.74
C GLY D 37 -23.19 12.17 -20.88
N SER D 38 -22.73 11.98 -22.14
CA SER D 38 -23.61 12.10 -23.29
C SER D 38 -23.90 10.73 -23.90
N MET D 39 -24.03 9.70 -23.04
CA MET D 39 -24.15 8.33 -23.51
C MET D 39 -25.51 7.76 -23.13
N SER D 40 -26.02 6.89 -23.99
CA SER D 40 -27.27 6.18 -23.75
C SER D 40 -27.05 5.01 -22.80
N PRO D 41 -28.12 4.47 -22.17
CA PRO D 41 -27.99 3.30 -21.29
C PRO D 41 -27.30 2.10 -21.95
N LYS D 42 -27.55 1.92 -23.25
CA LYS D 42 -26.96 0.83 -24.01
C LYS D 42 -25.48 1.11 -24.28
N GLU D 43 -25.13 2.36 -24.60
CA GLU D 43 -23.74 2.73 -24.80
C GLU D 43 -22.96 2.52 -23.50
N LEU D 44 -23.51 2.95 -22.36
CA LEU D 44 -22.87 2.78 -21.07
C LEU D 44 -22.62 1.30 -20.80
N ARG D 45 -23.64 0.45 -20.97
CA ARG D 45 -23.50 -0.98 -20.78
C ARG D 45 -22.30 -1.49 -21.56
N ASN D 46 -22.27 -1.12 -22.84
CA ASN D 46 -21.24 -1.61 -23.73
C ASN D 46 -19.87 -1.23 -23.15
N LEU D 47 -19.75 0.02 -22.71
CA LEU D 47 -18.48 0.53 -22.28
C LEU D 47 -18.08 -0.16 -20.97
N GLU D 48 -19.03 -0.25 -20.03
CA GLU D 48 -18.75 -0.89 -18.75
C GLU D 48 -18.14 -2.26 -19.00
N GLY D 49 -18.75 -3.05 -19.86
CA GLY D 49 -18.26 -4.39 -20.13
C GLY D 49 -16.82 -4.36 -20.64
N ARG D 50 -16.54 -3.41 -21.55
CA ARG D 50 -15.23 -3.32 -22.17
C ARG D 50 -14.19 -2.89 -21.13
N LEU D 51 -14.54 -1.92 -20.28
CA LEU D 51 -13.60 -1.36 -19.32
C LEU D 51 -13.36 -2.31 -18.14
N GLU D 52 -14.39 -3.05 -17.71
CA GLU D 52 -14.22 -4.01 -16.61
C GLU D 52 -13.29 -5.14 -17.06
N ARG D 53 -13.34 -5.50 -18.34
CA ARG D 53 -12.40 -6.45 -18.91
C ARG D 53 -10.99 -5.83 -18.97
N SER D 54 -10.88 -4.58 -19.46
CA SER D 54 -9.61 -3.87 -19.50
C SER D 54 -8.93 -3.86 -18.14
N ILE D 55 -9.64 -3.41 -17.10
CA ILE D 55 -8.98 -3.15 -15.83
C ILE D 55 -8.48 -4.47 -15.23
N THR D 56 -9.25 -5.55 -15.39
CA THR D 56 -8.81 -6.86 -14.94
C THR D 56 -7.49 -7.21 -15.62
N ARG D 57 -7.40 -7.00 -16.95
CA ARG D 57 -6.26 -7.51 -17.68
C ARG D 57 -5.02 -6.71 -17.29
N ILE D 58 -5.20 -5.39 -17.15
CA ILE D 58 -4.11 -4.50 -16.83
C ILE D 58 -3.60 -4.79 -15.42
N ARG D 59 -4.53 -5.11 -14.50
CA ARG D 59 -4.21 -5.39 -13.13
C ARG D 59 -3.42 -6.69 -13.05
N SER D 60 -3.90 -7.69 -13.77
CA SER D 60 -3.27 -8.99 -13.81
C SER D 60 -1.88 -8.86 -14.44
N LYS D 61 -1.74 -7.98 -15.45
CA LYS D 61 -0.47 -7.79 -16.12
C LYS D 61 0.51 -7.12 -15.17
N LYS D 62 0.07 -6.03 -14.54
CA LYS D 62 0.86 -5.29 -13.59
C LYS D 62 1.41 -6.21 -12.50
N ASN D 63 0.63 -7.24 -12.10
CA ASN D 63 1.10 -8.16 -11.08
C ASN D 63 2.15 -9.08 -11.69
N GLU D 64 1.86 -9.64 -12.88
CA GLU D 64 2.76 -10.52 -13.61
C GLU D 64 4.16 -9.93 -13.74
N LEU D 65 4.26 -8.63 -14.06
CA LEU D 65 5.55 -7.98 -14.17
C LEU D 65 6.32 -8.22 -12.89
N LEU D 66 5.67 -7.93 -11.77
CA LEU D 66 6.32 -7.98 -10.49
C LEU D 66 6.70 -9.43 -10.16
N PHE D 67 5.78 -10.37 -10.38
CA PHE D 67 6.07 -11.76 -10.10
C PHE D 67 7.25 -12.25 -10.95
N SER D 68 7.31 -11.84 -12.22
CA SER D 68 8.33 -12.36 -13.10
C SER D 68 9.70 -11.76 -12.74
N GLU D 69 9.71 -10.50 -12.29
CA GLU D 69 10.95 -9.87 -11.86
C GLU D 69 11.44 -10.59 -10.60
N ILE D 70 10.53 -10.95 -9.70
CA ILE D 70 10.94 -11.60 -8.48
C ILE D 70 11.47 -12.99 -8.80
N ASP D 71 10.78 -13.68 -9.70
CA ASP D 71 11.16 -15.02 -10.10
C ASP D 71 12.56 -15.02 -10.74
N TYR D 72 12.82 -14.07 -11.64
CA TYR D 72 14.11 -13.93 -12.26
C TYR D 72 15.18 -13.71 -11.19
N MET D 73 14.91 -12.81 -10.23
CA MET D 73 15.93 -12.46 -9.26
C MET D 73 16.19 -13.64 -8.32
N GLN D 74 15.16 -14.43 -7.99
CA GLN D 74 15.37 -15.65 -7.21
C GLN D 74 16.24 -16.66 -7.98
N LYS D 75 16.10 -16.75 -9.30
CA LYS D 75 16.93 -17.67 -10.06
C LYS D 75 18.36 -17.14 -10.12
N ARG D 76 18.48 -15.83 -10.23
CA ARG D 76 19.78 -15.19 -10.21
C ARG D 76 20.50 -15.54 -8.91
N GLU D 77 19.78 -15.56 -7.79
CA GLU D 77 20.37 -15.93 -6.50
C GLU D 77 20.90 -17.37 -6.50
N VAL D 78 20.06 -18.31 -6.95
CA VAL D 78 20.44 -19.72 -7.07
C VAL D 78 21.69 -19.84 -7.94
N ASP D 79 21.65 -19.21 -9.10
CA ASP D 79 22.74 -19.22 -10.08
C ASP D 79 24.05 -18.70 -9.45
N LEU D 80 24.00 -17.61 -8.70
CA LEU D 80 25.21 -17.01 -8.16
C LEU D 80 25.71 -17.82 -6.96
N HIS D 81 24.81 -18.44 -6.19
CA HIS D 81 25.21 -19.42 -5.18
C HIS D 81 25.97 -20.56 -5.86
N ASN D 82 25.40 -21.16 -6.91
CA ASN D 82 26.06 -22.24 -7.62
C ASN D 82 27.47 -21.82 -8.07
N ASP D 83 27.60 -20.66 -8.73
CA ASP D 83 28.91 -20.22 -9.17
C ASP D 83 29.89 -20.20 -8.02
N ASN D 84 29.44 -19.80 -6.83
CA ASN D 84 30.34 -19.58 -5.70
C ASN D 84 30.78 -20.92 -5.11
N GLN D 85 29.86 -21.91 -5.02
CA GLN D 85 30.21 -23.28 -4.66
C GLN D 85 31.34 -23.80 -5.55
N ILE D 86 31.15 -23.74 -6.88
CA ILE D 86 32.14 -24.15 -7.85
C ILE D 86 33.48 -23.51 -7.50
N LEU D 87 33.50 -22.18 -7.30
CA LEU D 87 34.72 -21.48 -7.00
C LEU D 87 35.33 -21.96 -5.69
N ARG D 88 34.49 -22.16 -4.66
CA ARG D 88 34.98 -22.64 -3.38
C ARG D 88 35.64 -24.00 -3.53
N ALA D 89 35.02 -24.91 -4.31
CA ALA D 89 35.58 -26.23 -4.55
C ALA D 89 36.93 -26.10 -5.27
N LYS D 90 37.06 -25.06 -6.12
CA LYS D 90 38.28 -24.77 -6.87
C LYS D 90 39.44 -24.39 -5.95
N ILE D 91 39.17 -23.65 -4.86
CA ILE D 91 40.21 -23.22 -3.94
C ILE D 91 40.58 -24.38 -3.01
N ALA D 92 39.64 -25.31 -2.80
CA ALA D 92 39.87 -26.52 -2.02
C ALA D 92 40.76 -27.51 -2.77
N GLU D 93 40.87 -27.37 -4.09
CA GLU D 93 41.83 -28.14 -4.85
C GLU D 93 43.25 -27.61 -4.60
N ASN D 94 43.40 -26.28 -4.46
CA ASN D 94 44.68 -25.65 -4.15
C ASN D 94 45.15 -26.03 -2.74
N ARG D 95 44.35 -26.77 -1.97
CA ARG D 95 44.74 -27.25 -0.64
C ARG D 95 46.04 -28.05 -0.65
N PRO E 1 -11.53 -28.45 66.51
CA PRO E 1 -10.84 -28.75 65.26
C PRO E 1 -10.52 -27.47 64.48
N ASN E 2 -9.92 -26.47 65.16
CA ASN E 2 -9.72 -25.14 64.61
C ASN E 2 -8.41 -25.07 63.80
N VAL E 3 -8.42 -25.62 62.58
CA VAL E 3 -7.26 -25.60 61.71
C VAL E 3 -7.72 -25.62 60.26
N PRO E 4 -7.08 -24.87 59.35
CA PRO E 4 -7.40 -24.94 57.94
C PRO E 4 -7.22 -26.36 57.40
N SER E 5 -8.13 -26.75 56.50
CA SER E 5 -7.98 -28.01 55.79
C SER E 5 -6.80 -27.92 54.84
N ARG E 6 -6.28 -29.10 54.50
CA ARG E 6 -5.17 -29.24 53.57
C ARG E 6 -5.55 -28.62 52.23
N GLU E 7 -6.86 -28.64 51.90
CA GLU E 7 -7.34 -28.22 50.59
C GLU E 7 -7.49 -26.70 50.56
N ALA E 8 -7.88 -26.10 51.70
CA ALA E 8 -7.88 -24.65 51.80
C ALA E 8 -6.44 -24.07 51.76
N LEU E 9 -5.42 -24.79 52.24
CA LEU E 9 -4.04 -24.35 52.03
C LEU E 9 -3.64 -24.48 50.56
N ALA E 10 -4.04 -25.59 49.91
CA ALA E 10 -3.61 -25.87 48.55
C ALA E 10 -4.27 -24.90 47.57
N VAL E 11 -5.53 -24.52 47.85
CA VAL E 11 -6.24 -23.50 47.09
C VAL E 11 -5.50 -22.16 47.26
N GLU E 12 -5.19 -21.76 48.51
CA GLU E 12 -4.54 -20.49 48.82
C GLU E 12 -3.22 -20.40 48.07
N LEU E 13 -2.38 -21.44 48.15
CA LEU E 13 -1.09 -21.45 47.44
C LEU E 13 -1.30 -21.33 45.93
N SER E 14 -2.27 -22.08 45.41
CA SER E 14 -2.55 -22.12 43.97
C SER E 14 -2.95 -20.72 43.49
N SER E 15 -3.88 -20.10 44.21
CA SER E 15 -4.31 -18.73 43.94
C SER E 15 -3.13 -17.75 43.96
N GLN E 16 -2.19 -17.98 44.87
CA GLN E 16 -1.05 -17.10 44.97
C GLN E 16 -0.14 -17.30 43.76
N GLN E 17 0.10 -18.56 43.40
CA GLN E 17 1.03 -18.83 42.31
C GLN E 17 0.43 -18.30 41.01
N GLU E 18 -0.88 -18.50 40.80
CA GLU E 18 -1.59 -17.89 39.70
C GLU E 18 -1.33 -16.39 39.64
N TYR E 19 -1.51 -15.70 40.76
CA TYR E 19 -1.29 -14.27 40.84
C TYR E 19 0.15 -13.94 40.45
N LEU E 20 1.15 -14.71 40.95
CA LEU E 20 2.54 -14.37 40.68
C LEU E 20 2.86 -14.57 39.20
N LYS E 21 2.28 -15.62 38.62
CA LYS E 21 2.54 -15.94 37.23
C LYS E 21 1.94 -14.86 36.32
N LEU E 22 0.70 -14.43 36.58
CA LEU E 22 0.12 -13.33 35.84
C LEU E 22 0.92 -12.04 36.04
N LYS E 23 1.37 -11.75 37.26
CA LYS E 23 2.12 -10.52 37.48
C LYS E 23 3.43 -10.54 36.69
N GLU E 24 4.04 -11.69 36.49
CA GLU E 24 5.28 -11.72 35.68
C GLU E 24 4.96 -11.52 34.19
N ARG E 25 3.89 -12.12 33.69
CA ARG E 25 3.48 -11.94 32.27
C ARG E 25 3.26 -10.46 32.01
N TYR E 26 2.59 -9.79 32.92
CA TYR E 26 2.27 -8.36 32.70
C TYR E 26 3.58 -7.59 32.72
N ASP E 27 4.47 -7.98 33.61
CA ASP E 27 5.72 -7.23 33.71
C ASP E 27 6.50 -7.37 32.42
N ALA E 28 6.56 -8.61 31.92
CA ALA E 28 7.24 -8.91 30.68
C ALA E 28 6.64 -8.12 29.50
N LEU E 29 5.30 -8.05 29.46
CA LEU E 29 4.59 -7.39 28.37
C LEU E 29 4.84 -5.89 28.45
N GLN E 30 5.05 -5.35 29.65
CA GLN E 30 5.35 -3.93 29.77
C GLN E 30 6.75 -3.63 29.21
N ARG E 31 7.68 -4.56 29.41
CA ARG E 31 9.04 -4.39 28.94
C ARG E 31 9.04 -4.49 27.42
N THR E 32 8.33 -5.49 26.91
CA THR E 32 8.12 -5.63 25.48
C THR E 32 7.56 -4.34 24.91
N GLN E 33 6.60 -3.73 25.61
CA GLN E 33 6.02 -2.52 25.07
C GLN E 33 7.06 -1.39 25.01
N ARG E 34 7.84 -1.26 26.08
CA ARG E 34 8.82 -0.17 26.17
C ARG E 34 9.77 -0.27 24.97
N ASN E 35 10.22 -1.50 24.71
CA ASN E 35 11.14 -1.74 23.60
C ASN E 35 10.53 -1.36 22.26
N LEU E 36 9.25 -1.67 22.06
CA LEU E 36 8.57 -1.33 20.81
C LEU E 36 8.53 0.19 20.63
N LEU E 37 8.61 0.95 21.73
CA LEU E 37 8.58 2.41 21.62
C LEU E 37 9.99 2.97 21.52
N GLY E 38 10.98 2.07 21.56
CA GLY E 38 12.37 2.47 21.49
C GLY E 38 12.90 2.97 22.82
N GLU E 39 12.53 2.28 23.91
CA GLU E 39 12.91 2.64 25.27
C GLU E 39 13.38 1.41 26.04
N ASP E 40 14.15 1.71 27.11
CA ASP E 40 14.62 0.70 28.05
C ASP E 40 15.31 -0.43 27.30
N LEU E 41 16.20 -0.03 26.36
CA LEU E 41 16.85 -0.92 25.40
C LEU E 41 18.09 -1.61 25.96
N GLY E 42 18.51 -1.22 27.18
CA GLY E 42 19.72 -1.70 27.84
C GLY E 42 19.97 -3.20 27.71
N PRO E 43 19.04 -4.06 28.16
CA PRO E 43 19.25 -5.50 28.09
C PRO E 43 19.34 -6.15 26.70
N LEU E 44 19.06 -5.42 25.60
CA LEU E 44 18.89 -6.09 24.32
C LEU E 44 20.24 -6.33 23.63
N SER E 45 20.41 -7.52 23.07
CA SER E 45 21.52 -7.88 22.22
C SER E 45 21.33 -7.26 20.85
N THR E 46 22.37 -7.34 20.00
CA THR E 46 22.28 -6.64 18.73
C THR E 46 21.30 -7.39 17.84
N LYS E 47 21.19 -8.71 18.04
CA LYS E 47 20.31 -9.56 17.27
C LYS E 47 18.85 -9.21 17.57
N GLU E 48 18.54 -8.95 18.85
CA GLU E 48 17.21 -8.55 19.25
C GLU E 48 16.87 -7.16 18.73
N LEU E 49 17.85 -6.27 18.73
CA LEU E 49 17.63 -4.93 18.20
C LEU E 49 17.39 -4.96 16.68
N GLU E 50 18.11 -5.82 15.99
CA GLU E 50 17.97 -6.02 14.55
C GLU E 50 16.58 -6.56 14.24
N SER E 51 16.13 -7.50 15.03
CA SER E 51 14.81 -8.07 14.87
C SER E 51 13.73 -6.98 15.03
N LEU E 52 13.86 -6.12 16.04
CA LEU E 52 12.95 -5.00 16.22
C LEU E 52 13.00 -4.07 15.02
N GLU E 53 14.21 -3.80 14.55
CA GLU E 53 14.41 -2.85 13.46
C GLU E 53 13.65 -3.34 12.23
N ARG E 54 13.80 -4.62 11.91
CA ARG E 54 13.12 -5.21 10.77
C ARG E 54 11.60 -5.18 10.95
N GLN E 55 11.08 -5.46 12.16
CA GLN E 55 9.64 -5.46 12.38
C GLN E 55 9.04 -4.06 12.23
N LEU E 56 9.70 -3.06 12.84
CA LEU E 56 9.23 -1.69 12.78
C LEU E 56 9.26 -1.19 11.34
N ASP E 57 10.31 -1.53 10.61
CA ASP E 57 10.44 -1.00 9.26
C ASP E 57 9.36 -1.58 8.35
N SER E 58 9.05 -2.85 8.57
CA SER E 58 7.98 -3.55 7.89
C SER E 58 6.62 -2.89 8.17
N SER E 59 6.31 -2.60 9.47
CA SER E 59 5.10 -1.91 9.84
C SER E 59 5.00 -0.54 9.21
N LEU E 60 6.09 0.24 9.25
CA LEU E 60 6.09 1.58 8.68
C LEU E 60 5.76 1.57 7.20
N LYS E 61 6.25 0.56 6.48
CA LYS E 61 5.97 0.50 5.06
C LYS E 61 4.49 0.20 4.81
N GLN E 62 3.87 -0.64 5.66
CA GLN E 62 2.46 -0.97 5.52
C GLN E 62 1.62 0.26 5.84
N ILE E 63 1.94 0.91 6.96
CA ILE E 63 1.22 2.10 7.35
C ILE E 63 1.24 3.10 6.22
N ARG E 64 2.42 3.40 5.69
CA ARG E 64 2.55 4.51 4.76
C ARG E 64 1.79 4.16 3.49
N ALA E 65 1.78 2.88 3.15
CA ALA E 65 1.09 2.51 1.94
C ALA E 65 -0.40 2.78 2.12
N LEU E 66 -0.94 2.45 3.30
CA LEU E 66 -2.37 2.66 3.54
C LEU E 66 -2.72 4.14 3.73
N ARG E 67 -1.86 4.90 4.43
CA ARG E 67 -2.10 6.33 4.54
C ARG E 67 -2.21 6.94 3.15
N THR E 68 -1.29 6.56 2.27
CA THR E 68 -1.28 7.16 0.96
C THR E 68 -2.52 6.72 0.19
N GLN E 69 -2.90 5.45 0.26
CA GLN E 69 -4.13 4.95 -0.38
C GLN E 69 -5.36 5.73 0.10
N PHE E 70 -5.46 5.99 1.41
CA PHE E 70 -6.59 6.73 1.96
C PHE E 70 -6.64 8.13 1.36
N MET E 71 -5.47 8.76 1.20
CA MET E 71 -5.43 10.13 0.72
C MET E 71 -5.71 10.21 -0.78
N LEU E 72 -5.40 9.18 -1.55
CA LEU E 72 -5.76 9.18 -2.96
C LEU E 72 -7.25 8.91 -3.11
N ASP E 73 -7.81 8.02 -2.30
CA ASP E 73 -9.23 7.77 -2.36
C ASP E 73 -9.98 9.04 -1.96
N GLN E 74 -9.55 9.67 -0.88
CA GLN E 74 -10.23 10.86 -0.43
C GLN E 74 -10.25 11.90 -1.54
N LEU E 75 -9.14 12.00 -2.28
CA LEU E 75 -9.00 13.01 -3.31
C LEU E 75 -9.89 12.67 -4.51
N ASN E 76 -10.01 11.38 -4.82
CA ASN E 76 -10.79 10.94 -5.97
C ASN E 76 -12.28 11.17 -5.72
N ASP E 77 -12.70 10.90 -4.49
CA ASP E 77 -14.05 11.19 -4.01
C ASP E 77 -14.35 12.68 -4.17
N LEU E 78 -13.46 13.57 -3.71
CA LEU E 78 -13.69 14.99 -3.82
C LEU E 78 -13.79 15.42 -5.29
N GLN E 79 -13.00 14.82 -6.18
CA GLN E 79 -13.01 15.16 -7.60
C GLN E 79 -14.34 14.75 -8.23
N SER E 80 -14.89 13.64 -7.74
CA SER E 80 -16.16 13.12 -8.18
C SER E 80 -17.30 14.05 -7.73
N LYS E 81 -17.24 14.52 -6.49
CA LYS E 81 -18.21 15.45 -5.95
C LYS E 81 -18.11 16.81 -6.64
N GLU E 82 -16.90 17.20 -7.06
CA GLU E 82 -16.71 18.50 -7.66
C GLU E 82 -17.30 18.52 -9.08
N ARG E 83 -17.45 17.36 -9.70
CA ARG E 83 -18.05 17.30 -11.03
C ARG E 83 -19.57 17.37 -10.88
N MET E 84 -20.12 16.71 -9.86
CA MET E 84 -21.56 16.67 -9.62
C MET E 84 -22.07 18.02 -9.09
N LEU E 85 -21.20 18.82 -8.48
CA LEU E 85 -21.57 20.14 -7.98
C LEU E 85 -21.34 21.22 -9.04
N THR E 86 -20.60 20.91 -10.11
CA THR E 86 -20.45 21.85 -11.21
C THR E 86 -21.64 21.72 -12.17
N GLU E 87 -22.11 20.50 -12.44
CA GLU E 87 -23.26 20.34 -13.32
C GLU E 87 -24.55 20.72 -12.59
N THR E 88 -24.59 20.62 -11.24
CA THR E 88 -25.72 21.14 -10.48
C THR E 88 -25.74 22.66 -10.55
N ASN E 89 -24.56 23.29 -10.47
CA ASN E 89 -24.40 24.72 -10.66
C ASN E 89 -24.85 25.14 -12.07
N LYS E 90 -24.48 24.35 -13.10
CA LYS E 90 -24.69 24.71 -14.50
C LYS E 90 -26.14 24.44 -14.95
N THR E 91 -26.83 23.46 -14.33
CA THR E 91 -28.25 23.25 -14.60
C THR E 91 -29.10 24.21 -13.77
N LEU E 92 -28.54 24.74 -12.67
CA LEU E 92 -29.22 25.75 -11.88
C LEU E 92 -29.13 27.11 -12.59
N ARG E 93 -28.25 27.21 -13.59
CA ARG E 93 -28.14 28.38 -14.45
C ARG E 93 -29.30 28.45 -15.45
N LEU E 94 -30.05 27.35 -15.60
CA LEU E 94 -31.29 27.34 -16.36
C LEU E 94 -32.36 28.14 -15.60
N ARG E 95 -32.52 27.85 -14.30
CA ARG E 95 -33.45 28.57 -13.45
C ARG E 95 -33.05 30.04 -13.33
N LEU E 96 -31.74 30.32 -13.22
CA LEU E 96 -31.24 31.69 -13.24
C LEU E 96 -31.74 32.39 -14.51
N PRO F 4 -40.83 -31.94 40.81
CA PRO F 4 -39.88 -31.05 40.13
C PRO F 4 -40.06 -29.58 40.57
N SER F 5 -39.02 -29.04 41.23
CA SER F 5 -39.15 -27.82 42.03
C SER F 5 -39.27 -26.58 41.14
N ARG F 6 -39.69 -25.46 41.75
CA ARG F 6 -39.89 -24.20 41.04
C ARG F 6 -38.54 -23.58 40.63
N GLU F 7 -37.45 -24.06 41.25
CA GLU F 7 -36.09 -23.65 40.92
C GLU F 7 -35.62 -24.38 39.66
N ALA F 8 -36.00 -25.65 39.51
CA ALA F 8 -35.68 -26.41 38.31
C ALA F 8 -36.46 -25.89 37.11
N LEU F 9 -37.67 -25.37 37.36
CA LEU F 9 -38.51 -24.75 36.34
C LEU F 9 -37.86 -23.46 35.86
N ALA F 10 -37.35 -22.67 36.81
CA ALA F 10 -36.83 -21.35 36.52
C ALA F 10 -35.46 -21.45 35.83
N VAL F 11 -34.69 -22.49 36.19
CA VAL F 11 -33.41 -22.80 35.57
C VAL F 11 -33.67 -23.17 34.12
N GLU F 12 -34.60 -24.10 33.89
CA GLU F 12 -35.02 -24.51 32.56
C GLU F 12 -35.38 -23.28 31.73
N LEU F 13 -36.24 -22.40 32.26
CA LEU F 13 -36.69 -21.25 31.50
C LEU F 13 -35.51 -20.33 31.17
N SER F 14 -34.61 -20.14 32.13
CA SER F 14 -33.42 -19.32 31.92
C SER F 14 -32.53 -19.94 30.84
N SER F 15 -32.34 -21.26 30.91
CA SER F 15 -31.54 -21.99 29.92
C SER F 15 -32.09 -21.74 28.52
N GLN F 16 -33.41 -21.61 28.44
CA GLN F 16 -34.10 -21.47 27.17
C GLN F 16 -33.92 -20.07 26.62
N GLN F 17 -34.03 -19.04 27.48
CA GLN F 17 -33.91 -17.66 27.03
C GLN F 17 -32.48 -17.39 26.55
N GLU F 18 -31.52 -17.98 27.24
CA GLU F 18 -30.12 -17.96 26.86
C GLU F 18 -29.95 -18.57 25.46
N TYR F 19 -30.55 -19.76 25.24
CA TYR F 19 -30.44 -20.44 23.96
C TYR F 19 -31.02 -19.56 22.86
N LEU F 20 -32.19 -18.99 23.12
CA LEU F 20 -32.84 -18.20 22.10
C LEU F 20 -31.93 -17.05 21.67
N LYS F 21 -31.38 -16.33 22.62
CA LYS F 21 -30.58 -15.16 22.29
C LYS F 21 -29.35 -15.57 21.47
N LEU F 22 -28.71 -16.68 21.87
CA LEU F 22 -27.52 -17.14 21.15
C LEU F 22 -27.92 -17.54 19.74
N LYS F 23 -29.09 -18.17 19.61
CA LYS F 23 -29.51 -18.69 18.33
C LYS F 23 -29.74 -17.51 17.36
N GLU F 24 -30.33 -16.42 17.86
CA GLU F 24 -30.57 -15.26 17.02
C GLU F 24 -29.24 -14.57 16.65
N ARG F 25 -28.33 -14.50 17.61
CA ARG F 25 -27.00 -13.92 17.42
C ARG F 25 -26.31 -14.69 16.29
N TYR F 26 -26.31 -16.02 16.40
CA TYR F 26 -25.66 -16.89 15.44
C TYR F 26 -26.26 -16.73 14.05
N ASP F 27 -27.59 -16.66 13.94
CA ASP F 27 -28.26 -16.57 12.64
C ASP F 27 -27.97 -15.21 11.97
N ALA F 28 -27.96 -14.13 12.76
CA ALA F 28 -27.51 -12.82 12.31
C ALA F 28 -26.07 -12.84 11.78
N LEU F 29 -25.16 -13.48 12.52
CA LEU F 29 -23.78 -13.56 12.06
C LEU F 29 -23.62 -14.36 10.76
N GLN F 30 -24.44 -15.39 10.58
CA GLN F 30 -24.38 -16.25 9.40
C GLN F 30 -24.84 -15.47 8.17
N ARG F 31 -25.86 -14.64 8.35
CA ARG F 31 -26.32 -13.77 7.27
C ARG F 31 -25.22 -12.78 6.89
N THR F 32 -24.59 -12.17 7.90
CA THR F 32 -23.52 -11.23 7.64
C THR F 32 -22.42 -11.91 6.83
N GLN F 33 -22.09 -13.14 7.23
CA GLN F 33 -21.04 -13.86 6.54
C GLN F 33 -21.45 -14.11 5.09
N ARG F 34 -22.64 -14.67 4.90
CA ARG F 34 -23.11 -15.03 3.57
C ARG F 34 -23.10 -13.80 2.68
N ASN F 35 -23.49 -12.65 3.23
CA ASN F 35 -23.50 -11.42 2.44
C ASN F 35 -22.09 -11.01 2.05
N LEU F 36 -21.10 -11.16 2.95
CA LEU F 36 -19.73 -10.78 2.66
C LEU F 36 -19.12 -11.69 1.60
N LEU F 37 -19.70 -12.88 1.42
CA LEU F 37 -19.28 -13.80 0.37
C LEU F 37 -20.13 -13.61 -0.88
N GLY F 38 -21.00 -12.60 -0.87
CA GLY F 38 -21.92 -12.35 -1.96
C GLY F 38 -22.97 -13.45 -2.15
N GLU F 39 -23.41 -14.09 -1.06
CA GLU F 39 -24.46 -15.09 -1.15
C GLU F 39 -25.72 -14.63 -0.43
N ASP F 40 -26.84 -15.27 -0.78
CA ASP F 40 -28.11 -15.15 -0.07
C ASP F 40 -28.52 -13.69 0.01
N LEU F 41 -28.41 -12.97 -1.10
CA LEU F 41 -28.58 -11.52 -1.12
C LEU F 41 -30.04 -11.10 -1.28
N GLY F 42 -30.95 -12.06 -1.49
CA GLY F 42 -32.36 -11.79 -1.78
C GLY F 42 -32.98 -10.75 -0.84
N PRO F 43 -32.83 -10.88 0.49
CA PRO F 43 -33.41 -9.91 1.42
C PRO F 43 -32.97 -8.44 1.26
N LEU F 44 -31.79 -8.20 0.68
CA LEU F 44 -31.16 -6.89 0.80
C LEU F 44 -31.71 -5.89 -0.20
N SER F 45 -31.79 -4.61 0.24
CA SER F 45 -32.15 -3.50 -0.62
C SER F 45 -30.96 -3.03 -1.45
N THR F 46 -31.26 -2.18 -2.44
CA THR F 46 -30.25 -1.50 -3.24
C THR F 46 -29.28 -0.74 -2.32
N LYS F 47 -29.79 -0.14 -1.24
CA LYS F 47 -28.97 0.65 -0.34
C LYS F 47 -27.98 -0.25 0.39
N GLU F 48 -28.48 -1.36 0.95
CA GLU F 48 -27.65 -2.28 1.72
C GLU F 48 -26.62 -2.95 0.81
N LEU F 49 -26.98 -3.21 -0.46
CA LEU F 49 -26.07 -3.85 -1.38
C LEU F 49 -24.96 -2.86 -1.76
N GLU F 50 -25.34 -1.59 -1.95
CA GLU F 50 -24.37 -0.55 -2.25
C GLU F 50 -23.40 -0.37 -1.08
N SER F 51 -23.90 -0.48 0.15
CA SER F 51 -23.12 -0.38 1.37
C SER F 51 -22.07 -1.50 1.45
N LEU F 52 -22.48 -2.75 1.19
CA LEU F 52 -21.53 -3.85 1.11
C LEU F 52 -20.49 -3.62 0.03
N GLU F 53 -20.94 -3.13 -1.12
CA GLU F 53 -20.09 -2.88 -2.28
C GLU F 53 -18.98 -1.90 -1.89
N ARG F 54 -19.30 -0.87 -1.11
CA ARG F 54 -18.30 0.12 -0.69
C ARG F 54 -17.33 -0.47 0.33
N GLN F 55 -17.81 -1.34 1.22
CA GLN F 55 -16.95 -1.94 2.24
C GLN F 55 -15.93 -2.85 1.58
N LEU F 56 -16.44 -3.71 0.71
CA LEU F 56 -15.60 -4.68 0.02
C LEU F 56 -14.61 -3.93 -0.87
N ASP F 57 -15.07 -2.88 -1.56
CA ASP F 57 -14.17 -2.15 -2.43
C ASP F 57 -13.04 -1.54 -1.59
N SER F 58 -13.38 -1.05 -0.41
CA SER F 58 -12.41 -0.44 0.49
C SER F 58 -11.34 -1.44 0.94
N SER F 59 -11.78 -2.65 1.29
CA SER F 59 -10.88 -3.70 1.72
C SER F 59 -9.98 -4.07 0.56
N LEU F 60 -10.56 -4.23 -0.64
CA LEU F 60 -9.80 -4.64 -1.80
C LEU F 60 -8.67 -3.66 -2.10
N LYS F 61 -8.88 -2.36 -1.94
CA LYS F 61 -7.84 -1.39 -2.23
C LYS F 61 -6.71 -1.47 -1.21
N GLN F 62 -7.01 -1.83 0.03
CA GLN F 62 -5.98 -1.94 1.05
C GLN F 62 -5.20 -3.23 0.84
N ILE F 63 -5.90 -4.33 0.57
CA ILE F 63 -5.24 -5.60 0.28
C ILE F 63 -4.25 -5.41 -0.84
N ARG F 64 -4.70 -4.83 -1.95
CA ARG F 64 -3.85 -4.68 -3.13
C ARG F 64 -2.66 -3.77 -2.84
N ALA F 65 -2.87 -2.71 -2.07
CA ALA F 65 -1.76 -1.86 -1.68
C ALA F 65 -0.70 -2.65 -0.87
N LEU F 66 -1.16 -3.57 0.01
CA LEU F 66 -0.20 -4.32 0.79
C LEU F 66 0.49 -5.39 -0.05
N ARG F 67 -0.26 -6.04 -0.95
CA ARG F 67 0.35 -7.04 -1.82
C ARG F 67 1.45 -6.39 -2.64
N THR F 68 1.20 -5.19 -3.13
CA THR F 68 2.18 -4.49 -3.94
C THR F 68 3.39 -4.11 -3.11
N GLN F 69 3.17 -3.62 -1.88
CA GLN F 69 4.29 -3.28 -1.00
C GLN F 69 5.12 -4.52 -0.68
N PHE F 70 4.48 -5.68 -0.41
CA PHE F 70 5.24 -6.87 -0.09
C PHE F 70 6.18 -7.18 -1.26
N MET F 71 5.68 -7.02 -2.50
CA MET F 71 6.44 -7.42 -3.67
C MET F 71 7.56 -6.43 -3.95
N LEU F 72 7.38 -5.15 -3.69
CA LEU F 72 8.51 -4.22 -3.79
C LEU F 72 9.61 -4.55 -2.78
N ASP F 73 9.24 -4.91 -1.55
CA ASP F 73 10.23 -5.14 -0.51
C ASP F 73 10.99 -6.42 -0.81
N GLN F 74 10.27 -7.43 -1.29
CA GLN F 74 10.86 -8.68 -1.67
C GLN F 74 11.86 -8.44 -2.82
N LEU F 75 11.49 -7.60 -3.76
CA LEU F 75 12.37 -7.37 -4.89
C LEU F 75 13.61 -6.59 -4.46
N ASN F 76 13.48 -5.72 -3.45
CA ASN F 76 14.58 -4.92 -2.92
C ASN F 76 15.57 -5.84 -2.19
N ASP F 77 15.04 -6.75 -1.37
CA ASP F 77 15.84 -7.73 -0.66
C ASP F 77 16.60 -8.64 -1.64
N LEU F 78 15.97 -9.03 -2.75
CA LEU F 78 16.60 -9.86 -3.76
C LEU F 78 17.70 -9.10 -4.50
N GLN F 79 17.52 -7.82 -4.75
CA GLN F 79 18.57 -7.05 -5.41
C GLN F 79 19.77 -6.90 -4.49
N SER F 80 19.49 -6.77 -3.19
CA SER F 80 20.54 -6.69 -2.19
C SER F 80 21.35 -7.99 -2.17
N LYS F 81 20.67 -9.12 -2.13
CA LYS F 81 21.33 -10.42 -2.13
C LYS F 81 22.17 -10.65 -3.40
N GLU F 82 21.69 -10.13 -4.54
CA GLU F 82 22.41 -10.34 -5.78
C GLU F 82 23.72 -9.57 -5.71
N ARG F 83 23.72 -8.38 -5.10
CA ARG F 83 24.95 -7.58 -4.99
C ARG F 83 25.98 -8.27 -4.08
N MET F 84 25.55 -8.74 -2.91
CA MET F 84 26.42 -9.49 -2.02
C MET F 84 27.01 -10.71 -2.75
N LEU F 85 26.17 -11.49 -3.44
CA LEU F 85 26.64 -12.71 -4.08
C LEU F 85 27.61 -12.39 -5.21
N THR F 86 27.41 -11.24 -5.90
CA THR F 86 28.27 -10.77 -6.98
C THR F 86 29.66 -10.40 -6.46
N GLU F 87 29.71 -9.72 -5.31
CA GLU F 87 30.96 -9.29 -4.73
C GLU F 87 31.70 -10.48 -4.13
N THR F 88 30.97 -11.42 -3.52
CA THR F 88 31.56 -12.70 -3.12
C THR F 88 32.19 -13.42 -4.31
N ASN F 89 31.48 -13.42 -5.45
CA ASN F 89 31.94 -14.12 -6.64
C ASN F 89 33.19 -13.43 -7.17
N LYS F 90 33.24 -12.10 -7.08
CA LYS F 90 34.35 -11.34 -7.65
C LYS F 90 35.58 -11.44 -6.74
N THR F 91 35.40 -11.50 -5.41
CA THR F 91 36.55 -11.70 -4.55
C THR F 91 36.98 -13.17 -4.62
N LEU F 92 36.04 -14.10 -4.83
CA LEU F 92 36.42 -15.50 -4.96
C LEU F 92 37.30 -15.69 -6.19
N ARG F 93 37.04 -14.94 -7.28
CA ARG F 93 37.87 -15.01 -8.49
C ARG F 93 39.24 -14.38 -8.25
N LEU F 94 39.30 -13.39 -7.34
CA LEU F 94 40.54 -12.71 -7.02
C LEU F 94 41.47 -13.67 -6.29
N ARG F 95 40.89 -14.46 -5.36
CA ARG F 95 41.56 -15.57 -4.72
C ARG F 95 41.65 -16.79 -5.66
N LEU F 96 42.34 -16.61 -6.79
CA LEU F 96 42.50 -17.64 -7.82
C LEU F 96 43.57 -17.14 -8.82
N LEU G 9 9.81 16.11 -59.09
CA LEU G 9 10.99 15.51 -58.41
C LEU G 9 10.86 15.68 -56.89
N ALA G 10 10.49 16.90 -56.46
CA ALA G 10 10.31 17.22 -55.05
C ALA G 10 8.97 16.69 -54.54
N VAL G 11 8.00 16.56 -55.44
CA VAL G 11 6.61 16.26 -55.10
C VAL G 11 6.46 14.80 -54.68
N GLU G 12 7.16 13.89 -55.38
CA GLU G 12 7.12 12.47 -55.10
C GLU G 12 7.69 12.15 -53.72
N LEU G 13 8.81 12.82 -53.38
CA LEU G 13 9.56 12.55 -52.15
C LEU G 13 8.81 13.14 -50.97
N SER G 14 8.11 14.26 -51.21
CA SER G 14 7.32 14.95 -50.21
C SER G 14 6.02 14.19 -49.92
N SER G 15 5.44 13.57 -50.96
CA SER G 15 4.21 12.79 -50.82
C SER G 15 4.49 11.46 -50.10
N GLN G 16 5.75 10.99 -50.16
CA GLN G 16 6.17 9.79 -49.47
C GLN G 16 6.36 10.06 -47.98
N GLN G 17 7.09 11.13 -47.63
CA GLN G 17 7.37 11.46 -46.24
C GLN G 17 6.08 11.83 -45.48
N GLU G 18 5.07 12.37 -46.21
CA GLU G 18 3.78 12.69 -45.62
C GLU G 18 3.00 11.41 -45.31
N TYR G 19 3.23 10.35 -46.11
CA TYR G 19 2.56 9.06 -45.94
C TYR G 19 3.23 8.26 -44.82
N LEU G 20 4.57 8.33 -44.73
CA LEU G 20 5.30 7.63 -43.66
C LEU G 20 4.93 8.20 -42.30
N LYS G 21 4.79 9.54 -42.22
CA LYS G 21 4.51 10.22 -40.97
C LYS G 21 3.09 9.90 -40.50
N LEU G 22 2.14 9.82 -41.45
CA LEU G 22 0.74 9.49 -41.15
C LEU G 22 0.58 8.02 -40.82
N LYS G 23 1.48 7.18 -41.36
CA LYS G 23 1.48 5.74 -41.12
C LYS G 23 2.00 5.43 -39.71
N GLU G 24 2.94 6.25 -39.22
CA GLU G 24 3.49 6.08 -37.88
C GLU G 24 2.51 6.62 -36.84
N ARG G 25 1.90 7.79 -37.11
CA ARG G 25 0.86 8.34 -36.25
C ARG G 25 -0.23 7.29 -36.04
N TYR G 26 -0.72 6.68 -37.12
CA TYR G 26 -1.84 5.75 -37.05
C TYR G 26 -1.48 4.50 -36.26
N ASP G 27 -0.25 4.00 -36.47
CA ASP G 27 0.25 2.83 -35.77
C ASP G 27 0.42 3.11 -34.27
N ALA G 28 0.72 4.38 -33.91
CA ALA G 28 0.82 4.80 -32.52
C ALA G 28 -0.56 4.87 -31.86
N LEU G 29 -1.56 5.34 -32.63
CA LEU G 29 -2.91 5.44 -32.09
C LEU G 29 -3.54 4.05 -31.97
N GLN G 30 -3.07 3.11 -32.80
CA GLN G 30 -3.59 1.75 -32.84
C GLN G 30 -3.08 0.91 -31.66
N ARG G 31 -1.86 1.22 -31.18
CA ARG G 31 -1.29 0.55 -30.00
C ARG G 31 -1.87 1.18 -28.74
N THR G 32 -2.17 2.49 -28.75
CA THR G 32 -2.79 3.17 -27.62
C THR G 32 -4.19 2.59 -27.39
N GLN G 33 -4.91 2.33 -28.48
CA GLN G 33 -6.25 1.76 -28.41
C GLN G 33 -6.19 0.34 -27.85
N ARG G 34 -5.21 -0.44 -28.31
CA ARG G 34 -5.05 -1.82 -27.87
C ARG G 34 -4.92 -1.81 -26.34
N ASN G 35 -4.06 -0.92 -25.83
CA ASN G 35 -3.73 -0.82 -24.41
C ASN G 35 -4.93 -0.38 -23.58
N LEU G 36 -5.80 0.48 -24.12
CA LEU G 36 -7.00 0.95 -23.42
C LEU G 36 -8.03 -0.18 -23.32
N LEU G 37 -7.90 -1.19 -24.17
CA LEU G 37 -8.73 -2.39 -24.13
C LEU G 37 -8.06 -3.50 -23.34
N GLY G 38 -6.87 -3.21 -22.80
CA GLY G 38 -6.12 -4.18 -22.02
C GLY G 38 -5.43 -5.24 -22.88
N GLU G 39 -4.91 -4.83 -24.05
CA GLU G 39 -4.23 -5.74 -24.96
C GLU G 39 -2.82 -5.22 -25.26
N ASP G 40 -1.95 -6.14 -25.71
CA ASP G 40 -0.62 -5.82 -26.18
C ASP G 40 0.09 -4.95 -25.15
N LEU G 41 0.10 -5.44 -23.90
CA LEU G 41 0.61 -4.68 -22.76
C LEU G 41 2.10 -4.97 -22.52
N GLY G 42 2.70 -5.85 -23.35
CA GLY G 42 4.10 -6.22 -23.25
C GLY G 42 5.07 -5.04 -23.10
N PRO G 43 5.01 -4.01 -23.99
CA PRO G 43 5.91 -2.85 -23.89
C PRO G 43 5.80 -1.94 -22.66
N LEU G 44 4.66 -1.96 -21.96
CA LEU G 44 4.38 -0.98 -20.92
C LEU G 44 5.16 -1.29 -19.64
N SER G 45 5.54 -0.23 -18.91
CA SER G 45 6.08 -0.30 -17.56
C SER G 45 4.96 -0.35 -16.49
N THR G 46 5.36 -0.64 -15.24
CA THR G 46 4.46 -0.66 -14.09
C THR G 46 3.78 0.71 -13.97
N LYS G 47 4.56 1.77 -14.11
CA LYS G 47 4.03 3.13 -14.08
C LYS G 47 2.88 3.27 -15.07
N GLU G 48 3.13 2.94 -16.35
CA GLU G 48 2.18 3.13 -17.45
C GLU G 48 0.92 2.29 -17.24
N LEU G 49 1.07 1.12 -16.60
CA LEU G 49 -0.05 0.25 -16.30
C LEU G 49 -0.89 0.86 -15.18
N GLU G 50 -0.24 1.30 -14.10
CA GLU G 50 -0.92 1.90 -12.96
C GLU G 50 -1.69 3.14 -13.41
N SER G 51 -1.07 3.93 -14.28
CA SER G 51 -1.74 5.10 -14.86
C SER G 51 -3.07 4.68 -15.49
N LEU G 52 -3.03 3.65 -16.35
CA LEU G 52 -4.21 3.12 -17.01
C LEU G 52 -5.23 2.60 -16.00
N GLU G 53 -4.76 1.88 -14.97
CA GLU G 53 -5.65 1.25 -14.00
C GLU G 53 -6.48 2.31 -13.28
N ARG G 54 -5.83 3.44 -12.95
CA ARG G 54 -6.46 4.57 -12.29
C ARG G 54 -7.55 5.17 -13.18
N GLN G 55 -7.23 5.38 -14.46
CA GLN G 55 -8.15 5.99 -15.38
C GLN G 55 -9.40 5.11 -15.52
N LEU G 56 -9.19 3.79 -15.70
CA LEU G 56 -10.26 2.82 -15.89
C LEU G 56 -11.12 2.73 -14.63
N ASP G 57 -10.47 2.72 -13.47
CA ASP G 57 -11.18 2.55 -12.21
C ASP G 57 -12.12 3.73 -12.00
N SER G 58 -11.63 4.91 -12.41
CA SER G 58 -12.39 6.15 -12.37
C SER G 58 -13.62 6.03 -13.26
N SER G 59 -13.38 5.78 -14.54
CA SER G 59 -14.44 5.63 -15.54
C SER G 59 -15.49 4.63 -15.06
N LEU G 60 -15.06 3.47 -14.52
CA LEU G 60 -16.01 2.45 -14.12
C LEU G 60 -16.89 2.95 -12.98
N LYS G 61 -16.39 3.84 -12.13
CA LYS G 61 -17.18 4.22 -10.97
C LYS G 61 -18.32 5.10 -11.44
N GLN G 62 -17.96 5.98 -12.38
CA GLN G 62 -18.88 6.93 -12.98
C GLN G 62 -19.99 6.15 -13.72
N ILE G 63 -19.58 5.32 -14.68
CA ILE G 63 -20.48 4.55 -15.52
C ILE G 63 -21.49 3.80 -14.69
N ARG G 64 -21.05 3.17 -13.60
CA ARG G 64 -21.94 2.39 -12.75
C ARG G 64 -22.90 3.30 -11.99
N ALA G 65 -22.50 4.51 -11.71
CA ALA G 65 -23.40 5.36 -10.94
C ALA G 65 -24.57 5.78 -11.83
N LEU G 66 -24.27 6.27 -13.02
CA LEU G 66 -25.31 6.72 -13.97
C LEU G 66 -26.20 5.53 -14.36
N ARG G 67 -25.59 4.39 -14.67
CA ARG G 67 -26.38 3.24 -15.11
C ARG G 67 -27.45 2.96 -14.05
N THR G 68 -27.10 3.09 -12.78
CA THR G 68 -28.09 2.75 -11.72
C THR G 68 -29.02 3.94 -11.57
N GLN G 69 -28.50 5.12 -11.83
CA GLN G 69 -29.31 6.32 -11.73
C GLN G 69 -30.46 6.27 -12.75
N PHE G 70 -30.14 5.87 -13.98
CA PHE G 70 -31.15 5.75 -15.01
C PHE G 70 -32.21 4.75 -14.54
N MET G 71 -31.78 3.60 -14.01
CA MET G 71 -32.74 2.57 -13.62
C MET G 71 -33.61 3.09 -12.48
N LEU G 72 -33.06 3.92 -11.59
CA LEU G 72 -33.83 4.42 -10.46
C LEU G 72 -34.88 5.43 -10.93
N ASP G 73 -34.54 6.23 -11.94
CA ASP G 73 -35.44 7.24 -12.50
C ASP G 73 -36.58 6.55 -13.25
N GLN G 74 -36.21 5.65 -14.16
CA GLN G 74 -37.18 4.85 -14.88
C GLN G 74 -38.19 4.26 -13.89
N LEU G 75 -37.71 3.71 -12.76
CA LEU G 75 -38.56 3.00 -11.81
C LEU G 75 -39.45 3.99 -11.07
N ASN G 76 -38.89 5.16 -10.77
CA ASN G 76 -39.62 6.21 -10.09
C ASN G 76 -40.85 6.60 -10.92
N ASP G 77 -40.59 6.89 -12.21
CA ASP G 77 -41.63 7.24 -13.18
C ASP G 77 -42.72 6.16 -13.26
N LEU G 78 -42.31 4.89 -13.37
CA LEU G 78 -43.25 3.80 -13.53
C LEU G 78 -44.17 3.67 -12.32
N GLN G 79 -43.64 3.94 -11.13
CA GLN G 79 -44.43 3.88 -9.90
C GLN G 79 -45.48 4.99 -9.94
N SER G 80 -45.03 6.18 -10.35
CA SER G 80 -45.89 7.35 -10.51
C SER G 80 -47.05 7.03 -11.46
N LYS G 81 -46.73 6.51 -12.64
CA LYS G 81 -47.73 6.18 -13.63
C LYS G 81 -48.61 5.03 -13.14
N GLU G 82 -48.07 4.10 -12.35
CA GLU G 82 -48.85 2.96 -11.90
C GLU G 82 -49.98 3.43 -10.98
N ARG G 83 -49.71 4.49 -10.20
CA ARG G 83 -50.71 5.08 -9.31
C ARG G 83 -51.80 5.80 -10.12
N MET G 84 -51.41 6.56 -11.14
CA MET G 84 -52.37 7.30 -11.97
C MET G 84 -53.28 6.32 -12.71
N LEU G 85 -52.71 5.21 -13.19
CA LEU G 85 -53.47 4.19 -13.92
C LEU G 85 -54.48 3.51 -13.00
N THR G 86 -54.09 3.23 -11.74
CA THR G 86 -54.94 2.51 -10.80
C THR G 86 -56.15 3.34 -10.39
N GLU G 87 -55.96 4.67 -10.27
CA GLU G 87 -57.10 5.52 -9.97
C GLU G 87 -57.99 5.66 -11.20
N THR G 88 -57.40 5.75 -12.39
CA THR G 88 -58.18 5.77 -13.62
C THR G 88 -59.02 4.48 -13.73
N ASN G 89 -58.47 3.35 -13.28
CA ASN G 89 -59.16 2.07 -13.35
C ASN G 89 -60.31 2.04 -12.35
N LYS G 90 -60.11 2.59 -11.15
CA LYS G 90 -61.14 2.52 -10.12
C LYS G 90 -62.25 3.53 -10.45
N THR G 91 -61.88 4.69 -11.02
CA THR G 91 -62.86 5.64 -11.54
C THR G 91 -63.74 4.98 -12.61
N LEU G 92 -63.12 4.24 -13.52
CA LEU G 92 -63.84 3.63 -14.64
C LEU G 92 -64.82 2.56 -14.16
N ARG G 93 -64.47 1.80 -13.10
CA ARG G 93 -65.35 0.75 -12.60
C ARG G 93 -66.55 1.36 -11.88
N LEU G 94 -66.37 2.60 -11.39
CA LEU G 94 -67.44 3.39 -10.79
C LEU G 94 -68.45 3.84 -11.86
N ARG G 95 -67.96 4.48 -12.93
CA ARG G 95 -68.82 4.86 -14.04
C ARG G 95 -69.53 3.60 -14.55
N LEU G 96 -68.82 2.47 -14.47
CA LEU G 96 -69.38 1.13 -14.62
C LEU G 96 -70.07 0.99 -15.98
N LEU H 9 30.20 35.63 -37.95
CA LEU H 9 28.77 35.84 -37.56
C LEU H 9 28.07 34.49 -37.37
N ALA H 10 28.32 33.57 -38.32
CA ALA H 10 27.71 32.25 -38.31
C ALA H 10 28.40 31.36 -37.26
N VAL H 11 29.71 31.60 -37.03
CA VAL H 11 30.50 30.89 -36.04
C VAL H 11 30.11 31.35 -34.63
N GLU H 12 29.83 32.66 -34.49
CA GLU H 12 29.34 33.24 -33.24
C GLU H 12 27.99 32.64 -32.87
N LEU H 13 27.08 32.55 -33.86
CA LEU H 13 25.73 32.07 -33.65
C LEU H 13 25.73 30.57 -33.30
N SER H 14 26.54 29.78 -34.01
CA SER H 14 26.69 28.36 -33.71
C SER H 14 27.26 28.16 -32.30
N SER H 15 28.25 28.98 -31.95
CA SER H 15 28.87 28.97 -30.64
C SER H 15 27.87 29.28 -29.53
N GLN H 16 26.91 30.17 -29.80
CA GLN H 16 25.88 30.55 -28.84
C GLN H 16 24.84 29.43 -28.68
N GLN H 17 24.44 28.79 -29.79
CA GLN H 17 23.44 27.73 -29.75
C GLN H 17 23.97 26.57 -28.92
N GLU H 18 25.25 26.24 -29.14
CA GLU H 18 25.95 25.21 -28.38
C GLU H 18 25.88 25.56 -26.89
N TYR H 19 26.21 26.81 -26.53
CA TYR H 19 26.26 27.26 -25.15
C TYR H 19 24.88 27.23 -24.48
N LEU H 20 23.82 27.62 -25.20
CA LEU H 20 22.47 27.55 -24.64
C LEU H 20 22.08 26.09 -24.38
N LYS H 21 22.35 25.18 -25.32
CA LYS H 21 21.96 23.78 -25.17
C LYS H 21 22.64 23.18 -23.94
N LEU H 22 23.93 23.47 -23.74
CA LEU H 22 24.71 22.94 -22.62
C LEU H 22 24.22 23.56 -21.32
N LYS H 23 23.92 24.86 -21.36
CA LYS H 23 23.38 25.58 -20.22
C LYS H 23 22.08 24.92 -19.77
N GLU H 24 21.20 24.54 -20.71
CA GLU H 24 19.92 23.95 -20.37
C GLU H 24 20.08 22.53 -19.85
N ARG H 25 21.01 21.77 -20.43
CA ARG H 25 21.36 20.44 -19.97
C ARG H 25 21.85 20.50 -18.51
N TYR H 26 22.73 21.48 -18.20
CA TYR H 26 23.28 21.62 -16.86
C TYR H 26 22.21 22.06 -15.85
N ASP H 27 21.37 23.03 -16.20
CA ASP H 27 20.34 23.47 -15.30
C ASP H 27 19.44 22.29 -14.93
N ALA H 28 19.08 21.46 -15.92
CA ALA H 28 18.28 20.27 -15.69
C ALA H 28 18.94 19.32 -14.69
N LEU H 29 20.27 19.14 -14.78
CA LEU H 29 20.99 18.26 -13.88
C LEU H 29 21.11 18.87 -12.48
N GLN H 30 21.13 20.19 -12.41
CA GLN H 30 21.15 20.91 -11.15
C GLN H 30 19.80 20.74 -10.43
N ARG H 31 18.69 20.79 -11.18
CA ARG H 31 17.38 20.52 -10.62
C ARG H 31 17.26 19.09 -10.11
N THR H 32 17.81 18.14 -10.86
CA THR H 32 17.77 16.74 -10.46
C THR H 32 18.56 16.62 -9.15
N GLN H 33 19.69 17.31 -9.04
CA GLN H 33 20.52 17.16 -7.84
C GLN H 33 19.80 17.73 -6.62
N ARG H 34 19.20 18.90 -6.81
CA ARG H 34 18.51 19.56 -5.72
C ARG H 34 17.45 18.61 -5.15
N ASN H 35 16.75 17.91 -6.04
CA ASN H 35 15.74 16.96 -5.62
C ASN H 35 16.36 15.78 -4.87
N LEU H 36 17.51 15.29 -5.32
CA LEU H 36 18.18 14.19 -4.61
C LEU H 36 18.60 14.60 -3.19
N LEU H 37 18.77 15.91 -2.95
CA LEU H 37 19.13 16.41 -1.63
C LEU H 37 17.88 16.78 -0.82
N GLY H 38 16.70 16.59 -1.43
CA GLY H 38 15.45 16.90 -0.79
C GLY H 38 15.07 18.37 -0.85
N GLU H 39 15.44 19.06 -1.94
CA GLU H 39 15.11 20.48 -2.08
C GLU H 39 14.35 20.73 -3.39
N ASP H 40 13.74 21.92 -3.49
CA ASP H 40 13.05 22.40 -4.68
C ASP H 40 12.11 21.34 -5.22
N LEU H 41 11.39 20.66 -4.31
CA LEU H 41 10.49 19.55 -4.63
C LEU H 41 9.11 20.01 -5.14
N GLY H 42 8.82 21.32 -5.10
CA GLY H 42 7.57 21.90 -5.61
C GLY H 42 7.00 21.25 -6.86
N PRO H 43 7.75 21.18 -7.98
CA PRO H 43 7.23 20.59 -9.22
C PRO H 43 6.81 19.13 -9.24
N LEU H 44 7.16 18.33 -8.22
CA LEU H 44 7.09 16.88 -8.36
C LEU H 44 5.71 16.38 -7.92
N SER H 45 5.26 15.32 -8.61
CA SER H 45 4.03 14.62 -8.27
C SER H 45 4.23 13.65 -7.10
N THR H 46 3.12 13.16 -6.53
CA THR H 46 3.17 12.13 -5.50
C THR H 46 4.00 10.94 -5.97
N LYS H 47 3.92 10.62 -7.26
CA LYS H 47 4.55 9.43 -7.79
C LYS H 47 6.05 9.63 -7.85
N GLU H 48 6.49 10.79 -8.32
CA GLU H 48 7.92 11.11 -8.42
C GLU H 48 8.55 11.13 -7.02
N LEU H 49 7.83 11.66 -6.01
CA LEU H 49 8.33 11.73 -4.67
C LEU H 49 8.45 10.34 -4.06
N GLU H 50 7.45 9.47 -4.33
CA GLU H 50 7.50 8.09 -3.87
C GLU H 50 8.71 7.36 -4.48
N SER H 51 8.94 7.59 -5.77
CA SER H 51 10.07 6.99 -6.48
C SER H 51 11.41 7.35 -5.83
N LEU H 52 11.62 8.65 -5.54
CA LEU H 52 12.82 9.10 -4.85
C LEU H 52 12.89 8.43 -3.49
N GLU H 53 11.74 8.32 -2.83
CA GLU H 53 11.71 7.80 -1.48
C GLU H 53 12.17 6.35 -1.51
N ARG H 54 11.77 5.62 -2.54
CA ARG H 54 12.13 4.19 -2.62
C ARG H 54 13.63 4.06 -2.87
N GLN H 55 14.16 4.89 -3.78
CA GLN H 55 15.59 4.90 -4.06
C GLN H 55 16.40 5.26 -2.81
N LEU H 56 16.00 6.32 -2.11
CA LEU H 56 16.74 6.72 -0.93
C LEU H 56 16.71 5.61 0.13
N ASP H 57 15.55 4.99 0.30
CA ASP H 57 15.37 4.00 1.36
C ASP H 57 16.24 2.78 1.09
N SER H 58 16.28 2.38 -0.19
CA SER H 58 17.18 1.33 -0.65
C SER H 58 18.68 1.65 -0.44
N SER H 59 19.14 2.85 -0.81
CA SER H 59 20.52 3.25 -0.55
C SER H 59 20.80 3.22 0.96
N LEU H 60 19.85 3.69 1.78
CA LEU H 60 20.12 3.75 3.22
C LEU H 60 20.25 2.35 3.80
N LYS H 61 19.43 1.40 3.36
CA LYS H 61 19.58 0.03 3.87
C LYS H 61 20.98 -0.51 3.57
N GLN H 62 21.50 -0.23 2.37
CA GLN H 62 22.78 -0.74 1.92
C GLN H 62 23.92 -0.07 2.68
N ILE H 63 23.87 1.25 2.80
CA ILE H 63 24.84 1.99 3.60
C ILE H 63 24.94 1.45 5.01
N ARG H 64 23.80 1.31 5.69
CA ARG H 64 23.81 0.85 7.08
C ARG H 64 24.41 -0.54 7.18
N ALA H 65 24.03 -1.44 6.27
CA ALA H 65 24.56 -2.78 6.32
C ALA H 65 26.09 -2.76 6.16
N LEU H 66 26.64 -1.90 5.31
CA LEU H 66 28.11 -1.94 5.08
C LEU H 66 28.84 -1.28 6.24
N ARG H 67 28.27 -0.22 6.79
CA ARG H 67 28.89 0.47 7.94
C ARG H 67 29.01 -0.52 9.08
N THR H 68 28.00 -1.35 9.25
CA THR H 68 28.01 -2.34 10.35
C THR H 68 29.04 -3.40 10.01
N GLN H 69 29.10 -3.80 8.74
CA GLN H 69 30.11 -4.80 8.39
C GLN H 69 31.53 -4.27 8.57
N PHE H 70 31.80 -2.98 8.30
CA PHE H 70 33.13 -2.44 8.52
C PHE H 70 33.44 -2.49 10.02
N MET H 71 32.42 -2.27 10.86
CA MET H 71 32.65 -2.18 12.30
C MET H 71 32.85 -3.58 12.87
N LEU H 72 32.19 -4.59 12.30
CA LEU H 72 32.39 -5.96 12.76
C LEU H 72 33.79 -6.43 12.38
N ASP H 73 34.24 -6.08 11.17
CA ASP H 73 35.57 -6.44 10.71
C ASP H 73 36.62 -5.78 11.60
N GLN H 74 36.42 -4.49 11.89
CA GLN H 74 37.31 -3.74 12.75
C GLN H 74 37.37 -4.41 14.12
N LEU H 75 36.21 -4.78 14.66
CA LEU H 75 36.17 -5.37 15.98
C LEU H 75 36.87 -6.73 15.98
N ASN H 76 36.68 -7.49 14.91
CA ASN H 76 37.25 -8.82 14.78
C ASN H 76 38.77 -8.71 14.76
N ASP H 77 39.27 -7.71 14.02
CA ASP H 77 40.68 -7.38 13.91
C ASP H 77 41.27 -6.96 15.26
N LEU H 78 40.48 -6.27 16.09
CA LEU H 78 40.95 -5.81 17.39
C LEU H 78 41.01 -6.96 18.40
N GLN H 79 40.03 -7.88 18.36
CA GLN H 79 40.04 -9.06 19.22
C GLN H 79 41.29 -9.92 18.94
N SER H 80 41.57 -10.11 17.65
CA SER H 80 42.74 -10.83 17.18
C SER H 80 43.99 -10.22 17.78
N LYS H 81 44.17 -8.90 17.61
CA LYS H 81 45.36 -8.23 18.12
C LYS H 81 45.41 -8.31 19.65
N GLU H 82 44.25 -8.29 20.31
CA GLU H 82 44.22 -8.35 21.76
C GLU H 82 44.77 -9.69 22.24
N ARG H 83 44.47 -10.77 21.51
CA ARG H 83 44.98 -12.08 21.87
C ARG H 83 46.50 -12.12 21.70
N MET H 84 47.01 -11.62 20.56
CA MET H 84 48.45 -11.58 20.30
C MET H 84 49.16 -10.78 21.39
N LEU H 85 48.61 -9.63 21.78
CA LEU H 85 49.27 -8.75 22.74
C LEU H 85 49.18 -9.33 24.15
N THR H 86 48.19 -10.19 24.45
CA THR H 86 48.07 -10.78 25.78
C THR H 86 49.03 -11.96 25.96
N GLU H 87 49.32 -12.72 24.89
CA GLU H 87 50.29 -13.80 25.00
C GLU H 87 51.71 -13.20 24.94
N THR H 88 51.89 -12.06 24.26
CA THR H 88 53.16 -11.34 24.28
C THR H 88 53.44 -10.80 25.68
N ASN H 89 52.39 -10.37 26.38
CA ASN H 89 52.51 -9.84 27.73
C ASN H 89 52.84 -10.95 28.72
N LYS H 90 52.15 -12.08 28.64
CA LYS H 90 52.39 -13.13 29.65
C LYS H 90 53.79 -13.72 29.40
N THR H 91 54.24 -13.73 28.14
CA THR H 91 55.62 -14.20 27.88
C THR H 91 56.59 -13.26 28.60
N LEU H 92 56.46 -11.96 28.38
CA LEU H 92 57.38 -10.99 29.03
C LEU H 92 57.18 -11.10 30.54
N ARG H 93 55.95 -11.37 30.96
CA ARG H 93 55.65 -11.48 32.41
C ARG H 93 56.56 -12.56 33.01
N LEU H 94 56.52 -13.76 32.43
CA LEU H 94 57.36 -14.88 32.95
C LEU H 94 58.85 -14.54 32.78
N ARG H 95 59.23 -13.89 31.67
CA ARG H 95 60.68 -13.66 31.42
C ARG H 95 61.32 -12.68 32.41
N LEU H 96 60.33 -11.90 32.99
CA LEU H 96 60.83 -10.93 34.01
C LEU H 96 60.48 -11.40 35.42
#